data_9EGA
#
_entry.id   9EGA
#
_cell.length_a   56.134
_cell.length_b   125.135
_cell.length_c   108.688
_cell.angle_alpha   90.00
_cell.angle_beta   104.71
_cell.angle_gamma   90.00
#
_symmetry.space_group_name_H-M   'P 1 21 1'
#
loop_
_entity.id
_entity.type
_entity.pdbx_description
1 polymer 'Sialate O-acetylesterase'
2 non-polymer 'TRIETHYLENE GLYCOL'
3 non-polymer 'MAGNESIUM ION'
4 non-polymer 'phenylmethanesulfonic acid'
5 water water
#
_entity_poly.entity_id   1
_entity_poly.type   'polypeptide(L)'
_entity_poly.pdbx_seq_one_letter_code
;MGSSHHHHHHSSGLVPRGSHMQIRLPHIICDSMILQRDVPLKIWGWASPGEQIVLQFNGKKWSTKTGADEKWLINLPAMK
AGGPYTMEFSGKNKVVLKDILFGDVWLCTGQSNMVHQLKVHNITYAQDIASANYPQIRQFWVPTTTNLKGPSEDLPKSSW
KPATKEGINDFSAVAYFFARKIYQEQKIPIGIINSSVGGTTIEAWTGEDGLKDLEEVRKIIERNKDSAAVNKINKLADAS
QSPPATSADKGMLEAIKWFDLQYQPKGWRKFYVPGYWEDQGMRDLDGVVWFRKEIEIPAAMVAVPAFIQMGRIVDADRFY
INGTLIGSTGYQYPQRRYTVPAGILKPGKNILVIRVENSNGKGGFVPDKPYSLQANQQSIDLKGEWQYKVGEAYRPAFRG
GPFRIQEQAQPTALYNAMIAPVVQYGIKGVLWYQGESNVGNALTYKKLLPALIQNWRAQFKRRDLPFYYVQLPNYGDMRY
QPGESAWAMLREAALETLKVPNTGMAVTIDLGEWNDIHPDDKKDVGERLALIAKRLSYGEKNLVYSGPIYKSSTIEGNKI
IVSFEHIGSGLKTRDGESLSQFEIAGADKKFVWAIAEIKGNQVIVHSPQITKPMYVRYAWADNPVNPNLYNIENLPASPF
RTDR
;
_entity_poly.pdbx_strand_id   A,B
#
loop_
_chem_comp.id
_chem_comp.type
_chem_comp.name
_chem_comp.formula
MG non-polymer 'MAGNESIUM ION' 'Mg 2'
PGE non-polymer 'TRIETHYLENE GLYCOL' 'C6 H14 O4'
PMS non-polymer 'phenylmethanesulfonic acid' 'C7 H8 O3 S'
#
# COMPACT_ATOMS: atom_id res chain seq x y z
N GLY A 18 1.47 -32.34 -46.92
CA GLY A 18 2.76 -32.71 -46.38
C GLY A 18 3.43 -33.83 -47.16
N SER A 19 3.28 -33.80 -48.48
CA SER A 19 3.95 -34.76 -49.34
C SER A 19 5.38 -34.32 -49.54
N HIS A 20 6.31 -35.21 -49.21
CA HIS A 20 7.72 -34.94 -49.40
C HIS A 20 8.13 -35.35 -50.80
N MET A 21 8.71 -34.42 -51.54
CA MET A 21 9.15 -34.65 -52.90
C MET A 21 10.66 -34.78 -53.00
N GLN A 22 11.37 -34.57 -51.90
CA GLN A 22 12.82 -34.58 -51.85
C GLN A 22 13.23 -34.67 -50.38
N ILE A 23 14.54 -34.74 -50.15
CA ILE A 23 15.05 -34.83 -48.78
C ILE A 23 14.62 -33.62 -47.97
N ARG A 24 14.14 -33.86 -46.76
CA ARG A 24 13.87 -32.85 -45.77
C ARG A 24 14.53 -33.32 -44.48
N LEU A 25 15.30 -32.44 -43.84
CA LEU A 25 15.88 -32.80 -42.55
C LEU A 25 15.09 -32.17 -41.41
N PRO A 26 15.06 -32.82 -40.24
CA PRO A 26 14.45 -32.18 -39.06
C PRO A 26 15.18 -30.88 -38.77
N HIS A 27 14.44 -29.93 -38.20
CA HIS A 27 15.00 -28.60 -37.97
C HIS A 27 16.16 -28.62 -36.99
N ILE A 28 16.21 -29.59 -36.09
CA ILE A 28 17.33 -29.64 -35.17
C ILE A 28 18.61 -30.17 -35.83
N ILE A 29 18.49 -30.90 -36.92
CA ILE A 29 19.66 -31.39 -37.67
C ILE A 29 19.97 -30.36 -38.74
N CYS A 30 20.90 -29.46 -38.43
CA CYS A 30 21.22 -28.34 -39.32
C CYS A 30 22.67 -27.90 -39.06
N ASP A 31 23.08 -26.83 -39.75
CA ASP A 31 24.43 -26.32 -39.60
C ASP A 31 24.75 -26.06 -38.14
N SER A 32 26.00 -26.34 -37.77
CA SER A 32 26.55 -26.00 -36.46
C SER A 32 25.99 -26.83 -35.31
N MET A 33 25.22 -27.89 -35.58
CA MET A 33 24.63 -28.63 -34.47
C MET A 33 25.74 -29.24 -33.62
N ILE A 34 25.44 -29.43 -32.35
CA ILE A 34 26.22 -30.31 -31.48
C ILE A 34 25.43 -31.60 -31.32
N LEU A 35 25.99 -32.70 -31.80
CA LEU A 35 25.41 -34.01 -31.61
C LEU A 35 26.01 -34.66 -30.38
N GLN A 36 25.25 -35.56 -29.78
CA GLN A 36 25.69 -36.20 -28.53
C GLN A 36 26.84 -37.17 -28.81
N ARG A 37 27.92 -37.01 -28.05
CA ARG A 37 29.07 -37.88 -28.17
C ARG A 37 28.81 -39.20 -27.44
N ASP A 38 29.56 -40.22 -27.84
CA ASP A 38 29.69 -41.48 -27.10
C ASP A 38 28.41 -42.30 -27.05
N VAL A 39 27.50 -42.12 -28.00
CA VAL A 39 26.30 -42.95 -28.11
C VAL A 39 26.03 -43.25 -29.57
N PRO A 40 25.40 -44.39 -29.84
CA PRO A 40 24.89 -44.63 -31.19
C PRO A 40 23.97 -43.48 -31.58
N LEU A 41 24.13 -42.99 -32.80
CA LEU A 41 23.40 -41.82 -33.25
C LEU A 41 22.38 -42.18 -34.32
N LYS A 42 21.26 -41.50 -34.29
CA LYS A 42 20.25 -41.60 -35.34
C LYS A 42 20.24 -40.29 -36.11
N ILE A 43 20.31 -40.39 -37.43
CA ILE A 43 20.12 -39.27 -38.35
C ILE A 43 18.88 -39.65 -39.16
N TRP A 44 17.80 -38.91 -38.97
CA TRP A 44 16.52 -39.27 -39.57
C TRP A 44 15.97 -38.07 -40.33
N GLY A 45 15.00 -38.34 -41.20
CA GLY A 45 14.40 -37.28 -41.98
C GLY A 45 13.27 -37.82 -42.82
N TRP A 46 12.90 -37.04 -43.83
CA TRP A 46 11.84 -37.39 -44.76
C TRP A 46 12.34 -37.23 -46.19
N ALA A 47 11.62 -37.86 -47.11
CA ALA A 47 11.89 -37.74 -48.54
C ALA A 47 10.74 -38.40 -49.29
N SER A 48 10.81 -38.38 -50.61
CA SER A 48 9.77 -39.01 -51.40
C SER A 48 9.86 -40.53 -51.25
N PRO A 49 8.75 -41.24 -51.43
CA PRO A 49 8.78 -42.69 -51.23
C PRO A 49 9.84 -43.35 -52.11
N GLY A 50 10.61 -44.25 -51.51
CA GLY A 50 11.66 -44.95 -52.20
C GLY A 50 12.88 -44.13 -52.54
N GLU A 51 12.95 -42.87 -52.12
CA GLU A 51 14.08 -42.03 -52.47
C GLU A 51 15.35 -42.58 -51.83
N GLN A 52 16.40 -42.71 -52.64
CA GLN A 52 17.68 -43.25 -52.19
C GLN A 52 18.52 -42.13 -51.60
N ILE A 53 18.85 -42.25 -50.31
CA ILE A 53 19.61 -41.25 -49.58
C ILE A 53 21.05 -41.75 -49.46
N VAL A 54 22.01 -40.90 -49.78
CA VAL A 54 23.41 -41.17 -49.52
C VAL A 54 23.95 -40.05 -48.63
N LEU A 55 24.58 -40.43 -47.53
CA LEU A 55 25.22 -39.50 -46.62
C LEU A 55 26.72 -39.69 -46.68
N GLN A 56 27.44 -38.61 -46.99
CA GLN A 56 28.90 -38.60 -46.95
C GLN A 56 29.29 -37.99 -45.60
N PHE A 57 29.97 -38.77 -44.77
CA PHE A 57 30.32 -38.32 -43.43
C PHE A 57 31.49 -39.13 -42.90
N ASN A 58 32.48 -38.45 -42.33
CA ASN A 58 33.60 -39.08 -41.62
C ASN A 58 34.36 -40.06 -42.51
N GLY A 59 34.61 -39.65 -43.76
CA GLY A 59 35.38 -40.47 -44.68
C GLY A 59 34.67 -41.68 -45.20
N LYS A 60 33.34 -41.74 -45.07
CA LYS A 60 32.59 -42.93 -45.45
C LYS A 60 31.26 -42.50 -46.05
N LYS A 61 30.65 -43.40 -46.81
CA LYS A 61 29.32 -43.19 -47.38
C LYS A 61 28.32 -44.14 -46.72
N TRP A 62 27.14 -43.60 -46.41
CA TRP A 62 26.07 -44.33 -45.75
C TRP A 62 24.80 -44.16 -46.57
N SER A 63 24.10 -45.28 -46.81
CA SER A 63 22.96 -45.32 -47.72
C SER A 63 21.75 -45.91 -47.03
N THR A 64 20.57 -45.42 -47.39
CA THR A 64 19.32 -46.01 -46.99
C THR A 64 18.26 -45.64 -48.00
N LYS A 65 17.15 -46.39 -48.01
CA LYS A 65 16.04 -46.13 -48.91
C LYS A 65 14.85 -45.63 -48.11
N THR A 66 14.27 -44.52 -48.54
CA THR A 66 13.11 -43.95 -47.86
C THR A 66 11.92 -44.88 -48.00
N GLY A 67 11.22 -45.11 -46.89
CA GLY A 67 10.08 -45.99 -46.91
C GLY A 67 8.87 -45.39 -47.59
N ALA A 68 7.83 -46.22 -47.71
CA ALA A 68 6.56 -45.73 -48.24
C ALA A 68 5.90 -44.70 -47.33
N ASP A 69 6.32 -44.65 -46.07
CA ASP A 69 5.87 -43.63 -45.14
C ASP A 69 6.60 -42.31 -45.32
N GLU A 70 7.48 -42.20 -46.30
CA GLU A 70 8.26 -41.00 -46.59
C GLU A 70 9.27 -40.68 -45.52
N LYS A 71 9.68 -41.66 -44.73
CA LYS A 71 10.66 -41.48 -43.66
C LYS A 71 11.91 -42.31 -43.97
N TRP A 72 13.06 -41.79 -43.55
CA TRP A 72 14.31 -42.53 -43.65
C TRP A 72 15.11 -42.37 -42.35
N LEU A 73 16.04 -43.29 -42.13
CA LEU A 73 16.85 -43.29 -40.93
C LEU A 73 18.22 -43.88 -41.25
N ILE A 74 19.28 -43.20 -40.81
CA ILE A 74 20.65 -43.69 -40.89
C ILE A 74 21.21 -43.81 -39.48
N ASN A 75 21.73 -44.99 -39.15
CA ASN A 75 22.32 -45.24 -37.83
C ASN A 75 23.83 -45.08 -37.93
N LEU A 76 24.40 -44.21 -37.10
CA LEU A 76 25.82 -43.97 -37.12
C LEU A 76 26.45 -44.42 -35.81
N PRO A 77 27.69 -44.93 -35.86
CA PRO A 77 28.35 -45.37 -34.63
C PRO A 77 28.73 -44.19 -33.75
N ALA A 78 28.95 -44.51 -32.47
CA ALA A 78 29.28 -43.49 -31.48
C ALA A 78 30.53 -42.71 -31.86
N MET A 79 30.55 -41.43 -31.53
CA MET A 79 31.64 -40.53 -31.87
C MET A 79 32.16 -39.93 -30.59
N LYS A 80 33.48 -39.79 -30.47
CA LYS A 80 34.01 -39.07 -29.33
C LYS A 80 33.88 -37.57 -29.52
N ALA A 81 33.99 -36.84 -28.41
CA ALA A 81 33.88 -35.38 -28.45
C ALA A 81 34.90 -34.79 -29.42
N GLY A 82 34.47 -33.82 -30.20
CA GLY A 82 35.37 -33.16 -31.11
C GLY A 82 34.63 -32.62 -32.32
N GLY A 83 35.38 -32.46 -33.41
CA GLY A 83 34.88 -31.80 -34.59
C GLY A 83 35.86 -30.74 -35.05
N PRO A 84 35.51 -29.98 -36.09
CA PRO A 84 34.25 -29.99 -36.84
C PRO A 84 34.15 -31.03 -37.96
N TYR A 85 32.93 -31.46 -38.25
CA TYR A 85 32.64 -32.39 -39.34
C TYR A 85 31.62 -31.76 -40.29
N THR A 86 31.55 -32.31 -41.49
CA THR A 86 30.49 -31.98 -42.42
C THR A 86 29.68 -33.24 -42.68
N MET A 87 28.43 -33.05 -43.11
CA MET A 87 27.64 -34.13 -43.68
C MET A 87 27.04 -33.65 -44.99
N GLU A 88 27.21 -34.44 -46.05
CA GLU A 88 26.56 -34.18 -47.33
C GLU A 88 25.52 -35.26 -47.59
N PHE A 89 24.27 -34.84 -47.69
CA PHE A 89 23.16 -35.73 -48.04
C PHE A 89 22.81 -35.51 -49.50
N SER A 90 22.58 -36.61 -50.20
CA SER A 90 22.12 -36.49 -51.57
C SER A 90 20.99 -37.47 -51.81
N GLY A 91 20.00 -37.02 -52.58
CA GLY A 91 18.87 -37.82 -52.98
C GLY A 91 18.36 -37.22 -54.26
N LYS A 92 17.12 -36.72 -54.26
CA LYS A 92 16.67 -35.90 -55.38
C LYS A 92 17.12 -34.45 -55.25
N ASN A 93 17.64 -34.07 -54.08
CA ASN A 93 18.25 -32.78 -53.84
C ASN A 93 19.52 -33.00 -53.02
N LYS A 94 20.27 -31.92 -52.82
CA LYS A 94 21.51 -31.96 -52.07
C LYS A 94 21.35 -31.10 -50.83
N VAL A 95 21.85 -31.61 -49.70
CA VAL A 95 21.84 -30.88 -48.43
C VAL A 95 23.22 -31.04 -47.80
N VAL A 96 23.88 -29.92 -47.51
CA VAL A 96 25.21 -29.92 -46.91
C VAL A 96 25.12 -29.25 -45.53
N LEU A 97 25.60 -29.94 -44.52
CA LEU A 97 25.70 -29.42 -43.15
C LEU A 97 27.16 -29.27 -42.78
N LYS A 98 27.49 -28.16 -42.14
CA LYS A 98 28.86 -27.84 -41.83
C LYS A 98 29.00 -27.56 -40.35
N ASP A 99 30.24 -27.61 -39.87
CA ASP A 99 30.59 -27.10 -38.55
C ASP A 99 29.90 -27.94 -37.45
N ILE A 100 29.81 -29.24 -37.68
CA ILE A 100 29.17 -30.17 -36.74
C ILE A 100 30.17 -30.56 -35.66
N LEU A 101 29.74 -30.49 -34.41
CA LEU A 101 30.55 -30.95 -33.29
C LEU A 101 29.86 -32.11 -32.59
N PHE A 102 30.67 -32.87 -31.85
CA PHE A 102 30.17 -33.89 -30.93
C PHE A 102 30.54 -33.48 -29.51
N GLY A 103 29.55 -33.52 -28.63
CA GLY A 103 29.74 -33.10 -27.26
C GLY A 103 28.57 -33.52 -26.41
N ASP A 104 28.30 -32.81 -25.32
CA ASP A 104 27.20 -33.14 -24.45
C ASP A 104 26.06 -32.15 -24.69
N VAL A 105 24.87 -32.68 -24.95
CA VAL A 105 23.69 -31.89 -25.26
C VAL A 105 22.77 -31.91 -24.06
N TRP A 106 22.50 -30.75 -23.49
CA TRP A 106 21.66 -30.60 -22.32
C TRP A 106 20.33 -29.97 -22.72
N LEU A 107 19.24 -30.65 -22.42
CA LEU A 107 17.89 -30.18 -22.70
C LEU A 107 17.47 -29.32 -21.52
N CYS A 108 17.33 -28.02 -21.75
CA CYS A 108 17.09 -27.03 -20.70
C CYS A 108 15.66 -26.50 -20.83
N THR A 109 14.86 -26.69 -19.79
CA THR A 109 13.42 -26.62 -19.93
C THR A 109 12.77 -25.97 -18.70
N GLY A 110 11.54 -25.52 -18.87
CA GLY A 110 10.77 -24.96 -17.77
C GLY A 110 9.98 -23.73 -18.15
N GLN A 111 9.67 -22.88 -17.16
CA GLN A 111 8.98 -21.63 -17.45
C GLN A 111 9.93 -20.43 -17.45
N SER A 112 9.45 -19.25 -17.07
CA SER A 112 10.11 -18.01 -17.49
C SER A 112 11.49 -17.82 -16.87
N ASN A 113 11.77 -18.43 -15.72
CA ASN A 113 13.09 -18.24 -15.14
C ASN A 113 14.13 -19.13 -15.78
N MET A 114 13.72 -20.09 -16.61
CA MET A 114 14.71 -20.66 -17.51
C MET A 114 14.68 -19.96 -18.87
N VAL A 115 13.52 -19.43 -19.29
CA VAL A 115 13.44 -18.61 -20.49
C VAL A 115 14.43 -17.45 -20.42
N HIS A 116 14.42 -16.74 -19.29
CA HIS A 116 15.13 -15.47 -19.14
C HIS A 116 16.52 -15.47 -19.73
N GLN A 117 16.74 -14.60 -20.70
CA GLN A 117 17.96 -14.57 -21.47
C GLN A 117 18.93 -13.54 -20.92
N LEU A 118 20.21 -13.72 -21.24
CA LEU A 118 21.23 -12.80 -20.76
C LEU A 118 20.92 -11.35 -21.11
N LYS A 119 20.22 -11.10 -22.22
CA LYS A 119 19.97 -9.73 -22.62
C LYS A 119 19.12 -8.98 -21.62
N VAL A 120 18.28 -9.66 -20.84
CA VAL A 120 17.48 -9.00 -19.82
C VAL A 120 18.13 -9.06 -18.44
N HIS A 121 19.38 -9.52 -18.37
CA HIS A 121 20.18 -9.44 -17.16
C HIS A 121 21.53 -8.83 -17.47
N ASN A 122 21.55 -7.88 -18.41
CA ASN A 122 22.78 -7.35 -18.98
C ASN A 122 23.36 -6.18 -18.21
N ILE A 123 22.76 -5.80 -17.08
CA ILE A 123 23.45 -4.93 -16.15
C ILE A 123 24.38 -5.73 -15.25
N THR A 124 23.81 -6.69 -14.50
CA THR A 124 24.60 -7.53 -13.62
C THR A 124 25.65 -8.35 -14.40
N TYR A 125 25.28 -8.89 -15.56
CA TYR A 125 26.17 -9.75 -16.33
C TYR A 125 26.73 -9.07 -17.57
N ALA A 126 26.83 -7.74 -17.55
CA ALA A 126 27.45 -7.02 -18.67
C ALA A 126 28.82 -7.57 -19.00
N GLN A 127 29.62 -7.86 -17.99
CA GLN A 127 30.99 -8.29 -18.24
C GLN A 127 31.05 -9.74 -18.71
N ASP A 128 30.14 -10.59 -18.22
CA ASP A 128 30.06 -11.96 -18.72
C ASP A 128 29.60 -11.99 -20.18
N ILE A 129 28.67 -11.11 -20.54
CA ILE A 129 28.21 -11.02 -21.93
C ILE A 129 29.33 -10.52 -22.83
N ALA A 130 30.04 -9.48 -22.41
CA ALA A 130 31.07 -8.89 -23.26
C ALA A 130 32.25 -9.83 -23.46
N SER A 131 32.56 -10.66 -22.48
CA SER A 131 33.74 -11.51 -22.56
C SER A 131 33.44 -12.91 -23.08
N ALA A 132 32.17 -13.26 -23.27
CA ALA A 132 31.82 -14.60 -23.73
C ALA A 132 32.45 -14.87 -25.08
N ASN A 133 33.32 -15.87 -25.14
CA ASN A 133 33.98 -16.25 -26.37
C ASN A 133 34.12 -17.77 -26.35
N TYR A 134 32.99 -18.47 -26.44
CA TYR A 134 32.92 -19.93 -26.37
C TYR A 134 32.24 -20.44 -27.63
N PRO A 135 32.97 -20.53 -28.75
CA PRO A 135 32.36 -20.97 -30.01
C PRO A 135 31.85 -22.39 -30.00
N GLN A 136 32.25 -23.20 -29.02
CA GLN A 136 31.82 -24.59 -28.91
C GLN A 136 30.73 -24.80 -27.85
N ILE A 137 30.17 -23.73 -27.31
CA ILE A 137 28.93 -23.76 -26.53
C ILE A 137 27.86 -23.14 -27.40
N ARG A 138 26.80 -23.90 -27.69
CA ARG A 138 25.82 -23.49 -28.69
C ARG A 138 24.43 -23.79 -28.20
N GLN A 139 23.50 -22.87 -28.46
CA GLN A 139 22.12 -23.01 -28.05
C GLN A 139 21.24 -23.15 -29.27
N PHE A 140 20.34 -24.12 -29.23
CA PHE A 140 19.25 -24.23 -30.19
C PHE A 140 17.98 -23.79 -29.46
N TRP A 141 17.48 -22.60 -29.80
CA TRP A 141 16.32 -22.02 -29.12
C TRP A 141 15.05 -22.44 -29.84
N VAL A 142 14.08 -22.96 -29.09
CA VAL A 142 12.83 -23.47 -29.66
C VAL A 142 11.76 -22.40 -29.49
N PRO A 143 11.19 -21.86 -30.58
CA PRO A 143 10.06 -20.94 -30.45
C PRO A 143 8.87 -21.61 -29.76
N THR A 144 8.08 -20.79 -29.08
CA THR A 144 6.87 -21.30 -28.41
C THR A 144 5.91 -21.90 -29.42
N THR A 145 5.56 -23.17 -29.21
CA THR A 145 4.77 -23.95 -30.14
C THR A 145 3.91 -24.93 -29.35
N THR A 146 2.71 -25.21 -29.88
CA THR A 146 1.78 -26.12 -29.23
C THR A 146 1.17 -27.03 -30.28
N ASN A 147 0.75 -28.22 -29.84
CA ASN A 147 0.02 -29.15 -30.69
C ASN A 147 -0.97 -29.86 -29.78
N LEU A 148 -2.26 -29.64 -30.03
CA LEU A 148 -3.32 -30.28 -29.25
C LEU A 148 -3.66 -31.67 -29.73
N LYS A 149 -3.18 -32.06 -30.92
CA LYS A 149 -3.56 -33.34 -31.51
C LYS A 149 -2.71 -34.49 -30.99
N GLY A 150 -1.45 -34.23 -30.64
CA GLY A 150 -0.52 -35.27 -30.30
C GLY A 150 0.89 -34.82 -30.62
N PRO A 151 1.85 -35.72 -30.39
CA PRO A 151 3.26 -35.37 -30.62
C PRO A 151 3.51 -34.90 -32.05
N SER A 152 4.28 -33.81 -32.17
CA SER A 152 4.73 -33.34 -33.47
C SER A 152 5.99 -34.09 -33.87
N GLU A 153 6.23 -34.13 -35.18
CA GLU A 153 7.40 -34.82 -35.71
C GLU A 153 8.62 -33.93 -35.90
N ASP A 154 8.47 -32.62 -35.77
CA ASP A 154 9.53 -31.68 -36.08
C ASP A 154 9.39 -30.44 -35.20
N LEU A 155 10.51 -29.94 -34.71
CA LEU A 155 10.53 -28.65 -34.05
C LEU A 155 10.34 -27.54 -35.08
N PRO A 156 9.99 -26.33 -34.65
CA PRO A 156 9.97 -25.19 -35.57
C PRO A 156 11.37 -24.90 -36.06
N LYS A 157 11.45 -24.13 -37.13
CA LYS A 157 12.76 -23.77 -37.67
C LYS A 157 13.49 -22.88 -36.69
N SER A 158 14.78 -23.15 -36.52
CA SER A 158 15.64 -22.35 -35.66
C SER A 158 17.08 -22.59 -36.12
N SER A 159 18.06 -22.29 -35.25
CA SER A 159 19.45 -22.48 -35.61
C SER A 159 20.27 -22.70 -34.34
N TRP A 160 21.46 -23.26 -34.53
CA TRP A 160 22.41 -23.41 -33.43
C TRP A 160 23.30 -22.17 -33.40
N LYS A 161 23.22 -21.42 -32.30
CA LYS A 161 23.93 -20.16 -32.17
C LYS A 161 24.97 -20.24 -31.06
N PRO A 162 26.15 -19.68 -31.26
CA PRO A 162 27.25 -19.87 -30.31
C PRO A 162 27.29 -18.82 -29.21
N ALA A 163 27.96 -19.19 -28.12
CA ALA A 163 28.19 -18.28 -27.01
C ALA A 163 29.36 -17.35 -27.31
N THR A 164 29.22 -16.60 -28.41
CA THR A 164 30.14 -15.54 -28.76
C THR A 164 29.34 -14.25 -29.00
N LYS A 165 30.02 -13.19 -29.47
CA LYS A 165 29.38 -11.89 -29.63
C LYS A 165 28.01 -11.97 -30.30
N GLU A 166 27.90 -12.77 -31.36
CA GLU A 166 26.70 -12.73 -32.19
C GLU A 166 25.50 -13.39 -31.50
N GLY A 167 25.73 -14.35 -30.61
CA GLY A 167 24.62 -15.11 -30.07
C GLY A 167 24.46 -15.12 -28.56
N ILE A 168 25.42 -14.55 -27.84
CA ILE A 168 25.45 -14.70 -26.39
C ILE A 168 24.19 -14.12 -25.74
N ASN A 169 23.69 -12.99 -26.27
CA ASN A 169 22.59 -12.30 -25.60
C ASN A 169 21.30 -13.12 -25.59
N ASP A 170 21.17 -14.06 -26.52
CA ASP A 170 19.94 -14.84 -26.62
C ASP A 170 20.00 -16.15 -25.83
N PHE A 171 21.12 -16.44 -25.18
CA PHE A 171 21.19 -17.61 -24.32
C PHE A 171 20.29 -17.42 -23.10
N SER A 172 19.59 -18.50 -22.73
CA SER A 172 19.05 -18.57 -21.38
C SER A 172 20.18 -18.32 -20.39
N ALA A 173 19.95 -17.40 -19.45
CA ALA A 173 20.98 -17.05 -18.48
C ALA A 173 21.35 -18.25 -17.61
N VAL A 174 20.35 -18.94 -17.08
CA VAL A 174 20.60 -20.12 -16.26
C VAL A 174 21.40 -21.16 -17.05
N ALA A 175 20.96 -21.47 -18.26
CA ALA A 175 21.62 -22.50 -19.06
C ALA A 175 23.04 -22.07 -19.43
N TYR A 176 23.26 -20.78 -19.68
CA TYR A 176 24.60 -20.32 -20.05
C TYR A 176 25.59 -20.49 -18.90
N PHE A 177 25.19 -20.07 -17.69
CA PHE A 177 26.12 -20.20 -16.58
C PHE A 177 26.37 -21.66 -16.21
N PHE A 178 25.37 -22.53 -16.41
CA PHE A 178 25.60 -23.97 -16.30
C PHE A 178 26.61 -24.43 -17.33
N ALA A 179 26.37 -24.11 -18.60
CA ALA A 179 27.20 -24.60 -19.70
C ALA A 179 28.62 -24.09 -19.60
N ARG A 180 28.79 -22.83 -19.20
CA ARG A 180 30.13 -22.26 -19.06
C ARG A 180 30.92 -23.00 -17.98
N LYS A 181 30.29 -23.33 -16.86
CA LYS A 181 30.97 -24.04 -15.78
C LYS A 181 31.35 -25.45 -16.23
N ILE A 182 30.43 -26.18 -16.86
CA ILE A 182 30.72 -27.51 -17.36
C ILE A 182 31.82 -27.48 -18.41
N TYR A 183 31.75 -26.53 -19.35
CA TYR A 183 32.78 -26.45 -20.38
C TYR A 183 34.16 -26.19 -19.78
N GLN A 184 34.27 -25.21 -18.88
CA GLN A 184 35.60 -24.90 -18.32
C GLN A 184 36.25 -26.10 -17.66
N GLU A 185 35.46 -26.99 -17.06
CA GLU A 185 36.06 -28.12 -16.36
C GLU A 185 36.16 -29.36 -17.25
N GLN A 186 35.17 -29.60 -18.10
CA GLN A 186 35.11 -30.85 -18.86
C GLN A 186 35.69 -30.72 -20.25
N LYS A 187 35.68 -29.52 -20.84
CA LYS A 187 36.38 -29.26 -22.10
C LYS A 187 35.86 -30.09 -23.26
N ILE A 188 34.54 -30.25 -23.34
CA ILE A 188 33.91 -30.80 -24.55
C ILE A 188 32.84 -29.82 -25.03
N PRO A 189 32.49 -29.79 -26.32
CA PRO A 189 31.40 -28.91 -26.77
C PRO A 189 30.13 -29.17 -25.97
N ILE A 190 29.41 -28.11 -25.66
CA ILE A 190 28.18 -28.18 -24.87
C ILE A 190 27.05 -27.60 -25.71
N GLY A 191 26.06 -28.42 -26.00
CA GLY A 191 24.84 -27.98 -26.66
C GLY A 191 23.74 -27.72 -25.66
N ILE A 192 22.98 -26.67 -25.89
CA ILE A 192 21.81 -26.32 -25.10
C ILE A 192 20.63 -26.37 -26.04
N ILE A 193 19.71 -27.31 -25.82
CA ILE A 193 18.40 -27.26 -26.45
C ILE A 193 17.50 -26.51 -25.48
N ASN A 194 17.19 -25.25 -25.79
CA ASN A 194 16.42 -24.38 -24.91
C ASN A 194 14.96 -24.46 -25.33
N SER A 195 14.17 -25.20 -24.55
CA SER A 195 12.73 -25.38 -24.83
C SER A 195 11.99 -24.96 -23.56
N SER A 196 11.57 -23.70 -23.51
CA SER A 196 11.01 -23.12 -22.31
C SER A 196 9.98 -22.06 -22.71
N VAL A 197 8.91 -21.94 -21.90
CA VAL A 197 7.82 -21.02 -22.18
C VAL A 197 7.35 -20.41 -20.86
N GLY A 198 7.22 -19.09 -20.83
CA GLY A 198 6.81 -18.42 -19.59
C GLY A 198 5.36 -18.69 -19.24
N GLY A 199 5.11 -18.80 -17.93
CA GLY A 199 3.75 -18.93 -17.43
C GLY A 199 3.07 -20.25 -17.70
N THR A 200 3.83 -21.34 -17.81
CA THR A 200 3.28 -22.63 -18.17
C THR A 200 3.35 -23.62 -17.01
N THR A 201 2.48 -24.62 -17.09
CA THR A 201 2.28 -25.63 -16.07
C THR A 201 3.02 -26.92 -16.42
N ILE A 202 3.30 -27.71 -15.39
CA ILE A 202 3.98 -28.98 -15.63
C ILE A 202 3.12 -29.91 -16.47
N GLU A 203 1.78 -29.80 -16.36
CA GLU A 203 0.89 -30.63 -17.15
C GLU A 203 1.05 -30.35 -18.64
N ALA A 204 1.26 -29.09 -19.02
CA ALA A 204 1.46 -28.78 -20.43
C ALA A 204 2.75 -29.38 -20.97
N TRP A 205 3.72 -29.67 -20.10
CA TRP A 205 5.01 -30.21 -20.48
C TRP A 205 5.10 -31.72 -20.34
N THR A 206 4.03 -32.38 -19.91
CA THR A 206 4.00 -33.81 -19.71
C THR A 206 3.30 -34.48 -20.89
N GLY A 207 3.90 -35.53 -21.43
CA GLY A 207 3.23 -36.31 -22.46
C GLY A 207 2.00 -37.02 -21.94
N GLU A 208 1.12 -37.40 -22.87
CA GLU A 208 -0.19 -37.95 -22.53
C GLU A 208 -0.09 -39.10 -21.55
N ASP A 209 0.93 -39.94 -21.70
CA ASP A 209 1.02 -41.15 -20.88
C ASP A 209 1.31 -40.82 -19.42
N GLY A 210 1.96 -39.68 -19.16
CA GLY A 210 2.26 -39.29 -17.80
C GLY A 210 1.10 -38.68 -17.04
N LEU A 211 0.01 -38.37 -17.73
CA LEU A 211 -1.15 -37.73 -17.16
C LEU A 211 -2.38 -38.62 -17.12
N LYS A 212 -2.25 -39.87 -17.57
CA LYS A 212 -3.43 -40.71 -17.78
C LYS A 212 -4.18 -41.03 -16.49
N ASP A 213 -3.52 -40.95 -15.34
CA ASP A 213 -4.17 -41.27 -14.07
C ASP A 213 -4.90 -40.08 -13.45
N LEU A 214 -4.82 -38.90 -14.06
CA LEU A 214 -5.57 -37.73 -13.61
C LEU A 214 -6.82 -37.65 -14.47
N GLU A 215 -7.95 -38.08 -13.91
CA GLU A 215 -9.13 -38.32 -14.73
C GLU A 215 -9.63 -37.05 -15.41
N GLU A 216 -9.62 -35.92 -14.70
CA GLU A 216 -10.11 -34.68 -15.30
C GLU A 216 -9.16 -34.18 -16.38
N VAL A 217 -7.86 -34.33 -16.17
CA VAL A 217 -6.88 -33.96 -17.19
C VAL A 217 -7.02 -34.87 -18.40
N ARG A 218 -7.17 -36.17 -18.17
CA ARG A 218 -7.34 -37.14 -19.25
C ARG A 218 -8.48 -36.76 -20.18
N LYS A 219 -9.62 -36.35 -19.62
CA LYS A 219 -10.77 -35.96 -20.44
C LYS A 219 -10.47 -34.71 -21.26
N ILE A 220 -9.71 -33.76 -20.69
CA ILE A 220 -9.34 -32.55 -21.43
C ILE A 220 -8.42 -32.90 -22.60
N ILE A 221 -7.45 -33.77 -22.37
CA ILE A 221 -6.56 -34.19 -23.44
C ILE A 221 -7.37 -34.73 -24.61
N GLU A 222 -8.35 -35.59 -24.32
CA GLU A 222 -9.13 -36.20 -25.38
C GLU A 222 -10.04 -35.18 -26.05
N ARG A 223 -10.64 -34.27 -25.28
CA ARG A 223 -11.45 -33.22 -25.90
C ARG A 223 -10.62 -32.37 -26.84
N ASN A 224 -9.40 -32.01 -26.43
CA ASN A 224 -8.57 -31.11 -27.23
C ASN A 224 -8.14 -31.75 -28.55
N LYS A 225 -8.17 -33.07 -28.67
CA LYS A 225 -7.89 -33.70 -29.94
C LYS A 225 -9.08 -33.66 -30.87
N ASP A 226 -10.21 -33.13 -30.42
CA ASP A 226 -11.45 -33.11 -31.17
C ASP A 226 -11.67 -31.67 -31.63
N SER A 227 -11.39 -31.42 -32.92
CA SER A 227 -11.42 -30.05 -33.44
C SER A 227 -12.80 -29.43 -33.32
N ALA A 228 -13.85 -30.22 -33.55
CA ALA A 228 -15.21 -29.72 -33.43
C ALA A 228 -15.48 -29.21 -32.02
N ALA A 229 -15.09 -30.01 -31.02
CA ALA A 229 -15.30 -29.62 -29.63
C ALA A 229 -14.54 -28.34 -29.31
N VAL A 230 -13.30 -28.24 -29.78
CA VAL A 230 -12.51 -27.04 -29.54
C VAL A 230 -13.15 -25.84 -30.21
N ASN A 231 -13.58 -26.01 -31.46
CA ASN A 231 -14.20 -24.90 -32.20
C ASN A 231 -15.50 -24.44 -31.56
N LYS A 232 -16.27 -25.37 -30.99
CA LYS A 232 -17.46 -24.98 -30.27
C LYS A 232 -17.13 -24.08 -29.09
N ILE A 233 -16.15 -24.48 -28.27
CA ILE A 233 -15.80 -23.71 -27.08
C ILE A 233 -15.33 -22.32 -27.48
N ASN A 234 -14.51 -22.23 -28.54
CA ASN A 234 -14.02 -20.94 -29.01
C ASN A 234 -15.13 -20.11 -29.62
N LYS A 235 -16.14 -20.74 -30.23
CA LYS A 235 -17.28 -20.00 -30.75
C LYS A 235 -18.12 -19.41 -29.62
N LEU A 236 -18.46 -20.21 -28.62
CA LEU A 236 -19.17 -19.69 -27.46
C LEU A 236 -18.35 -18.64 -26.72
N ALA A 237 -17.01 -18.76 -26.77
CA ALA A 237 -16.17 -17.73 -26.20
C ALA A 237 -16.22 -16.45 -27.01
N ASP A 238 -16.16 -16.58 -28.33
CA ASP A 238 -16.21 -15.39 -29.20
C ASP A 238 -17.59 -14.77 -29.19
N ALA A 239 -18.64 -15.59 -29.33
CA ALA A 239 -20.00 -15.07 -29.29
C ALA A 239 -20.23 -14.22 -28.04
N SER A 240 -19.94 -14.77 -26.87
CA SER A 240 -20.10 -14.00 -25.64
C SER A 240 -19.01 -12.97 -25.44
N GLN A 241 -17.96 -12.99 -26.25
CA GLN A 241 -16.87 -12.03 -26.11
C GLN A 241 -17.39 -10.63 -26.39
N SER A 242 -17.35 -9.78 -25.37
CA SER A 242 -17.76 -8.39 -25.55
C SER A 242 -16.85 -7.70 -26.56
N PRO A 243 -17.34 -6.66 -27.23
CA PRO A 243 -16.54 -5.98 -28.26
C PRO A 243 -15.36 -5.25 -27.67
N PRO A 244 -14.46 -4.71 -28.50
CA PRO A 244 -13.32 -3.96 -27.96
C PRO A 244 -13.78 -2.66 -27.31
N ALA A 245 -13.11 -2.29 -26.22
CA ALA A 245 -13.49 -1.12 -25.45
C ALA A 245 -12.88 0.13 -26.07
N THR A 246 -13.67 1.20 -26.11
CA THR A 246 -13.19 2.47 -26.61
C THR A 246 -12.46 3.20 -25.49
N SER A 247 -11.31 3.77 -25.82
CA SER A 247 -10.53 4.50 -24.83
C SER A 247 -11.28 5.77 -24.45
N ALA A 248 -11.38 6.03 -23.15
CA ALA A 248 -11.88 7.29 -22.61
C ALA A 248 -10.77 8.12 -21.99
N ASP A 249 -9.51 7.79 -22.27
CA ASP A 249 -8.34 8.53 -21.79
C ASP A 249 -8.35 10.01 -22.09
N LYS A 250 -8.61 10.84 -21.07
CA LYS A 250 -8.56 12.28 -21.25
C LYS A 250 -7.18 12.74 -21.72
N GLY A 251 -6.13 12.08 -21.25
CA GLY A 251 -4.77 12.47 -21.63
C GLY A 251 -4.48 12.33 -23.11
N MET A 252 -5.21 11.46 -23.79
CA MET A 252 -5.13 11.31 -25.25
C MET A 252 -6.28 11.99 -25.97
N LEU A 253 -7.45 12.11 -25.34
CA LEU A 253 -8.64 12.61 -26.01
C LEU A 253 -8.86 14.11 -25.83
N GLU A 254 -8.30 14.73 -24.81
CA GLU A 254 -8.44 16.16 -24.66
C GLU A 254 -7.70 16.88 -25.79
N ALA A 255 -8.06 18.15 -25.99
CA ALA A 255 -7.53 18.93 -27.10
C ALA A 255 -6.01 18.99 -27.07
N ILE A 256 -5.44 19.18 -25.89
CA ILE A 256 -4.00 19.12 -25.68
C ILE A 256 -3.67 17.85 -24.91
N LYS A 257 -2.84 17.00 -25.50
CA LYS A 257 -2.49 15.75 -24.85
C LYS A 257 -1.54 15.99 -23.69
N TRP A 258 -1.62 15.13 -22.68
CA TRP A 258 -0.94 15.43 -21.42
C TRP A 258 0.57 15.30 -21.53
N PHE A 259 1.09 14.71 -22.60
CA PHE A 259 2.52 14.71 -22.84
C PHE A 259 2.95 15.82 -23.79
N ASP A 260 2.00 16.52 -24.40
CA ASP A 260 2.31 17.68 -25.22
C ASP A 260 3.11 18.67 -24.40
N LEU A 261 4.25 19.12 -24.94
CA LEU A 261 5.12 20.05 -24.25
C LEU A 261 4.40 21.32 -23.82
N GLN A 262 3.25 21.63 -24.44
CA GLN A 262 2.53 22.86 -24.19
C GLN A 262 1.37 22.67 -23.22
N TYR A 263 1.14 21.44 -22.74
CA TYR A 263 0.06 21.20 -21.81
C TYR A 263 0.29 21.94 -20.51
N GLN A 264 -0.78 22.49 -19.95
CA GLN A 264 -0.75 23.19 -18.68
C GLN A 264 -1.51 22.36 -17.67
N PRO A 265 -0.83 21.70 -16.73
CA PRO A 265 -1.52 20.81 -15.79
C PRO A 265 -2.62 21.52 -15.02
N LYS A 266 -3.81 20.95 -15.06
CA LYS A 266 -4.97 21.40 -14.30
C LYS A 266 -5.60 20.18 -13.64
N GLY A 267 -5.76 20.23 -12.33
CA GLY A 267 -6.37 19.11 -11.63
C GLY A 267 -5.44 17.97 -11.28
N TRP A 268 -4.13 18.20 -11.26
CA TRP A 268 -3.15 17.19 -10.92
C TRP A 268 -2.86 17.22 -9.42
N ARG A 269 -2.51 16.07 -8.87
CA ARG A 269 -2.28 15.91 -7.44
C ARG A 269 -0.91 15.30 -7.20
N LYS A 270 -0.45 15.35 -5.97
CA LYS A 270 0.89 14.84 -5.66
C LYS A 270 0.92 13.32 -5.55
N PHE A 271 2.01 12.75 -6.04
CA PHE A 271 2.26 11.31 -5.99
C PHE A 271 3.72 11.09 -5.60
N TYR A 272 4.01 9.92 -5.05
CA TYR A 272 5.37 9.59 -4.64
C TYR A 272 5.79 8.26 -5.26
N VAL A 273 6.89 8.30 -5.99
CA VAL A 273 7.48 7.11 -6.61
C VAL A 273 8.64 6.65 -5.74
N PRO A 274 8.71 5.36 -5.38
CA PRO A 274 7.82 4.26 -5.74
C PRO A 274 6.55 4.18 -4.92
N GLY A 275 5.54 3.48 -5.44
CA GLY A 275 4.32 3.25 -4.71
C GLY A 275 3.18 2.93 -5.64
N TYR A 276 2.15 2.32 -5.07
CA TYR A 276 0.92 1.98 -5.77
C TYR A 276 -0.15 3.00 -5.43
N TRP A 277 -0.94 3.38 -6.43
CA TRP A 277 -1.90 4.45 -6.19
C TRP A 277 -3.02 4.04 -5.23
N GLU A 278 -3.31 2.74 -5.12
CA GLU A 278 -4.23 2.27 -4.10
C GLU A 278 -3.80 2.71 -2.70
N ASP A 279 -2.50 2.90 -2.50
CA ASP A 279 -1.96 3.30 -1.22
C ASP A 279 -1.69 4.81 -1.14
N GLN A 280 -2.09 5.56 -2.16
CA GLN A 280 -1.89 7.00 -2.18
C GLN A 280 -3.20 7.72 -2.52
N GLY A 281 -4.31 7.17 -2.05
CA GLY A 281 -5.58 7.86 -2.06
C GLY A 281 -6.53 7.53 -3.19
N MET A 282 -6.27 6.46 -3.95
CA MET A 282 -6.98 6.18 -5.20
C MET A 282 -7.50 4.75 -5.08
N ARG A 283 -8.74 4.61 -4.61
CA ARG A 283 -9.26 3.31 -4.18
C ARG A 283 -9.97 2.59 -5.31
N ASP A 284 -9.67 1.29 -5.45
CA ASP A 284 -10.33 0.39 -6.41
C ASP A 284 -10.28 0.93 -7.83
N LEU A 285 -9.12 1.44 -8.24
CA LEU A 285 -8.99 2.11 -9.53
C LEU A 285 -8.18 1.22 -10.46
N ASP A 286 -8.82 0.76 -11.52
CA ASP A 286 -8.15 0.25 -12.71
C ASP A 286 -8.40 1.25 -13.83
N GLY A 287 -7.39 1.47 -14.67
CA GLY A 287 -7.55 2.40 -15.76
C GLY A 287 -6.19 2.97 -16.17
N VAL A 288 -6.21 4.25 -16.54
CA VAL A 288 -5.03 4.96 -17.02
C VAL A 288 -4.78 6.14 -16.09
N VAL A 289 -3.61 6.19 -15.49
CA VAL A 289 -3.18 7.31 -14.67
C VAL A 289 -1.90 7.86 -15.26
N TRP A 290 -1.84 9.19 -15.40
CA TRP A 290 -0.69 9.87 -15.94
C TRP A 290 0.12 10.47 -14.81
N PHE A 291 1.43 10.51 -15.00
CA PHE A 291 2.36 11.03 -14.00
C PHE A 291 3.30 12.00 -14.67
N ARG A 292 3.61 13.11 -14.01
CA ARG A 292 4.41 14.15 -14.60
C ARG A 292 5.44 14.65 -13.60
N LYS A 293 6.67 14.85 -14.06
CA LYS A 293 7.74 15.36 -13.22
C LYS A 293 8.63 16.25 -14.07
N GLU A 294 8.97 17.43 -13.55
CA GLU A 294 9.92 18.31 -14.21
C GLU A 294 11.24 18.28 -13.49
N ILE A 295 12.31 18.01 -14.22
CA ILE A 295 13.65 17.86 -13.65
C ILE A 295 14.63 18.76 -14.37
N GLU A 296 15.66 19.18 -13.65
CA GLU A 296 16.72 20.01 -14.19
C GLU A 296 17.89 19.13 -14.59
N ILE A 297 18.37 19.32 -15.81
CA ILE A 297 19.43 18.50 -16.38
C ILE A 297 20.62 19.42 -16.64
N PRO A 298 21.81 19.10 -16.11
CA PRO A 298 22.99 19.89 -16.46
C PRO A 298 23.42 19.66 -17.90
N ALA A 299 24.20 20.61 -18.41
CA ALA A 299 24.67 20.51 -19.77
C ALA A 299 25.51 19.27 -20.00
N ALA A 300 26.17 18.77 -18.95
CA ALA A 300 27.01 17.58 -19.10
C ALA A 300 26.22 16.33 -19.43
N MET A 301 24.90 16.32 -19.21
CA MET A 301 24.08 15.17 -19.59
C MET A 301 23.29 15.40 -20.88
N VAL A 302 23.62 16.44 -21.63
CA VAL A 302 22.96 16.74 -22.90
C VAL A 302 23.92 16.41 -24.03
N ALA A 303 23.36 16.09 -25.20
CA ALA A 303 24.10 15.74 -26.41
C ALA A 303 24.85 14.42 -26.30
N VAL A 304 24.44 13.59 -25.34
CA VAL A 304 25.00 12.25 -25.15
C VAL A 304 23.83 11.30 -24.98
N PRO A 305 24.05 10.00 -25.13
CA PRO A 305 22.98 9.04 -24.83
C PRO A 305 22.64 9.06 -23.36
N ALA A 306 21.38 8.74 -23.05
CA ALA A 306 20.91 8.65 -21.68
C ALA A 306 20.22 7.32 -21.45
N PHE A 307 20.14 6.91 -20.19
CA PHE A 307 19.62 5.61 -19.82
C PHE A 307 18.66 5.77 -18.66
N ILE A 308 17.41 5.39 -18.87
CA ILE A 308 16.36 5.51 -17.87
C ILE A 308 16.06 4.13 -17.30
N GLN A 309 16.13 4.03 -15.99
CA GLN A 309 15.66 2.85 -15.26
C GLN A 309 14.41 3.30 -14.51
N MET A 310 13.27 2.75 -14.89
CA MET A 310 12.01 3.04 -14.23
C MET A 310 11.44 1.84 -13.52
N GLY A 311 12.29 1.16 -12.76
CA GLY A 311 11.85 0.08 -11.90
C GLY A 311 11.01 -0.93 -12.63
N ARG A 312 9.87 -1.24 -12.04
CA ARG A 312 8.88 -2.10 -12.68
C ARG A 312 7.52 -1.44 -12.44
N ILE A 313 6.66 -1.48 -13.46
CA ILE A 313 5.40 -0.74 -13.47
C ILE A 313 4.28 -1.72 -13.73
N VAL A 314 3.18 -1.57 -13.00
CA VAL A 314 1.99 -2.39 -13.15
C VAL A 314 0.88 -1.52 -13.72
N ASP A 315 0.39 -1.85 -14.91
CA ASP A 315 0.74 -2.96 -15.79
C ASP A 315 1.64 -2.52 -16.95
N ALA A 316 1.30 -1.41 -17.57
CA ALA A 316 1.96 -1.00 -18.81
C ALA A 316 2.23 0.50 -18.77
N ASP A 317 3.28 0.92 -19.47
CA ASP A 317 3.63 2.33 -19.46
C ASP A 317 4.03 2.79 -20.86
N ARG A 318 3.80 4.08 -21.09
CA ARG A 318 4.49 4.84 -22.13
C ARG A 318 5.21 5.97 -21.43
N PHE A 319 6.48 6.15 -21.77
CA PHE A 319 7.35 7.13 -21.12
C PHE A 319 7.74 8.17 -22.16
N TYR A 320 7.39 9.43 -21.89
CA TYR A 320 7.69 10.54 -22.78
C TYR A 320 8.66 11.48 -22.09
N ILE A 321 9.60 12.01 -22.86
CA ILE A 321 10.48 13.08 -22.39
C ILE A 321 10.36 14.25 -23.35
N ASN A 322 9.98 15.40 -22.83
CA ASN A 322 9.79 16.61 -23.62
C ASN A 322 8.83 16.37 -24.78
N GLY A 323 7.82 15.55 -24.53
CA GLY A 323 6.81 15.26 -25.52
C GLY A 323 7.16 14.13 -26.47
N THR A 324 8.36 13.58 -26.40
CA THR A 324 8.81 12.51 -27.29
C THR A 324 8.69 11.17 -26.56
N LEU A 325 8.00 10.22 -27.17
CA LEU A 325 7.90 8.87 -26.63
C LEU A 325 9.27 8.21 -26.71
N ILE A 326 9.86 7.90 -25.55
CA ILE A 326 11.19 7.31 -25.48
C ILE A 326 11.17 5.85 -25.08
N GLY A 327 10.03 5.31 -24.64
CA GLY A 327 9.97 3.93 -24.23
C GLY A 327 8.56 3.47 -23.93
N SER A 328 8.33 2.17 -24.07
CA SER A 328 7.05 1.56 -23.78
C SER A 328 7.29 0.14 -23.29
N THR A 329 6.44 -0.30 -22.37
CA THR A 329 6.43 -1.69 -21.92
C THR A 329 4.99 -2.09 -21.73
N GLY A 330 4.60 -3.22 -22.32
CA GLY A 330 3.20 -3.58 -22.40
C GLY A 330 2.66 -4.40 -21.27
N TYR A 331 3.49 -4.84 -20.32
CA TYR A 331 3.01 -5.68 -19.24
C TYR A 331 3.93 -5.55 -18.04
N GLN A 332 3.50 -6.15 -16.93
CA GLN A 332 4.03 -5.79 -15.62
C GLN A 332 5.38 -6.38 -15.29
N TYR A 333 5.83 -7.39 -16.03
CA TYR A 333 6.99 -8.16 -15.62
C TYR A 333 8.36 -7.62 -16.02
N PRO A 334 8.53 -7.03 -17.21
CA PRO A 334 9.87 -6.54 -17.58
C PRO A 334 10.34 -5.39 -16.69
N GLN A 335 11.61 -5.42 -16.34
CA GLN A 335 12.26 -4.25 -15.77
C GLN A 335 12.34 -3.16 -16.84
N ARG A 336 12.03 -1.92 -16.44
CA ARG A 336 12.00 -0.80 -17.38
C ARG A 336 13.41 -0.25 -17.53
N ARG A 337 13.98 -0.41 -18.73
CA ARG A 337 15.33 0.04 -19.04
C ARG A 337 15.27 0.67 -20.44
N TYR A 338 15.16 1.99 -20.50
CA TYR A 338 14.97 2.72 -21.74
C TYR A 338 16.24 3.46 -22.11
N THR A 339 16.76 3.20 -23.31
CA THR A 339 17.89 3.94 -23.84
C THR A 339 17.38 5.12 -24.66
N VAL A 340 17.83 6.32 -24.31
CA VAL A 340 17.36 7.58 -24.87
C VAL A 340 18.48 8.14 -25.75
N PRO A 341 18.22 8.42 -27.02
CA PRO A 341 19.28 8.95 -27.89
C PRO A 341 19.66 10.36 -27.48
N ALA A 342 20.86 10.75 -27.87
CA ALA A 342 21.29 12.12 -27.66
C ALA A 342 20.33 13.06 -28.39
N GLY A 343 20.10 14.23 -27.80
CA GLY A 343 19.26 15.25 -28.40
C GLY A 343 17.84 15.34 -27.86
N ILE A 344 17.38 14.31 -27.12
CA ILE A 344 16.07 14.41 -26.49
C ILE A 344 16.13 15.34 -25.28
N LEU A 345 17.06 15.07 -24.38
CA LEU A 345 17.22 15.91 -23.20
C LEU A 345 17.86 17.23 -23.60
N LYS A 346 17.31 18.32 -23.07
CA LYS A 346 17.81 19.66 -23.29
C LYS A 346 18.39 20.22 -22.00
N PRO A 347 19.25 21.22 -22.08
CA PRO A 347 19.74 21.85 -20.85
C PRO A 347 18.61 22.52 -20.10
N GLY A 348 18.59 22.34 -18.78
CA GLY A 348 17.59 22.98 -17.97
C GLY A 348 16.36 22.12 -17.75
N LYS A 349 15.18 22.72 -17.87
CA LYS A 349 13.94 22.05 -17.52
C LYS A 349 13.52 21.05 -18.58
N ASN A 350 13.31 19.80 -18.16
CA ASN A 350 12.78 18.75 -19.01
C ASN A 350 11.52 18.19 -18.37
N ILE A 351 10.57 17.76 -19.19
CA ILE A 351 9.29 17.27 -18.72
C ILE A 351 9.26 15.76 -18.94
N LEU A 352 9.11 15.01 -17.86
CA LEU A 352 8.92 13.58 -17.90
C LEU A 352 7.45 13.27 -17.70
N VAL A 353 6.87 12.47 -18.58
CA VAL A 353 5.46 12.11 -18.51
C VAL A 353 5.34 10.61 -18.70
N ILE A 354 4.69 9.94 -17.74
CA ILE A 354 4.48 8.50 -17.80
C ILE A 354 2.99 8.22 -17.81
N ARG A 355 2.53 7.52 -18.82
CA ARG A 355 1.16 7.08 -18.91
C ARG A 355 1.14 5.61 -18.48
N VAL A 356 0.51 5.35 -17.34
CA VAL A 356 0.47 4.01 -16.76
C VAL A 356 -0.93 3.46 -16.97
N GLU A 357 -1.00 2.32 -17.65
CA GLU A 357 -2.25 1.59 -17.82
C GLU A 357 -2.25 0.40 -16.87
N ASN A 358 -3.40 0.12 -16.28
CA ASN A 358 -3.51 -0.87 -15.21
C ASN A 358 -4.87 -1.54 -15.33
N SER A 359 -4.87 -2.82 -15.71
CA SER A 359 -6.12 -3.53 -15.97
C SER A 359 -6.59 -4.41 -14.82
N ASN A 360 -5.72 -4.73 -13.87
CA ASN A 360 -6.12 -5.58 -12.76
C ASN A 360 -5.12 -5.42 -11.62
N GLY A 361 -5.63 -5.48 -10.39
CA GLY A 361 -4.73 -5.38 -9.26
C GLY A 361 -4.15 -3.97 -9.06
N LYS A 362 -3.11 -3.91 -8.23
CA LYS A 362 -2.57 -2.63 -7.78
C LYS A 362 -1.65 -2.04 -8.85
N GLY A 363 -2.11 -0.97 -9.51
CA GLY A 363 -1.26 -0.27 -10.46
C GLY A 363 -0.30 0.68 -9.79
N GLY A 364 0.81 0.95 -10.48
CA GLY A 364 1.80 1.88 -9.98
C GLY A 364 3.24 1.43 -10.15
N PHE A 365 4.11 1.88 -9.25
CA PHE A 365 5.56 1.76 -9.39
C PHE A 365 6.10 0.89 -8.26
N VAL A 366 6.68 -0.25 -8.62
CA VAL A 366 7.10 -1.25 -7.62
C VAL A 366 8.22 -0.68 -6.75
N PRO A 367 8.12 -0.77 -5.43
CA PRO A 367 9.20 -0.28 -4.56
C PRO A 367 10.38 -1.24 -4.54
N ASP A 368 11.51 -0.73 -4.03
CA ASP A 368 12.75 -1.51 -3.94
C ASP A 368 13.24 -1.88 -5.34
N LYS A 369 13.22 -0.90 -6.23
CA LYS A 369 13.62 -1.01 -7.62
C LYS A 369 14.37 0.27 -7.99
N PRO A 370 15.19 0.24 -9.02
CA PRO A 370 15.94 1.45 -9.43
C PRO A 370 15.07 2.40 -10.25
N TYR A 371 15.07 3.67 -9.86
CA TYR A 371 14.37 4.75 -10.56
C TYR A 371 15.36 5.89 -10.76
N SER A 372 15.92 6.00 -11.97
CA SER A 372 16.99 6.95 -12.20
C SER A 372 17.11 7.26 -13.68
N LEU A 373 17.75 8.38 -13.97
CA LEU A 373 18.17 8.73 -15.32
C LEU A 373 19.67 8.96 -15.29
N GLN A 374 20.40 8.25 -16.15
CA GLN A 374 21.85 8.30 -16.20
C GLN A 374 22.33 8.83 -17.54
N ALA A 375 23.39 9.63 -17.49
CA ALA A 375 24.03 10.11 -18.71
C ALA A 375 25.40 10.66 -18.31
N ASN A 376 26.41 10.36 -19.13
CA ASN A 376 27.73 10.93 -18.94
C ASN A 376 28.28 10.67 -17.54
N GLN A 377 28.04 9.46 -17.04
CA GLN A 377 28.48 9.03 -15.72
C GLN A 377 27.86 9.85 -14.59
N GLN A 378 26.72 10.48 -14.84
CA GLN A 378 25.96 11.18 -13.82
C GLN A 378 24.60 10.54 -13.70
N SER A 379 23.94 10.76 -12.56
CA SER A 379 22.65 10.13 -12.28
C SER A 379 21.71 11.11 -11.60
N ILE A 380 20.44 11.09 -12.01
CA ILE A 380 19.38 11.90 -11.43
C ILE A 380 18.32 10.94 -10.90
N ASP A 381 17.92 11.15 -9.65
CA ASP A 381 16.98 10.26 -8.99
C ASP A 381 15.58 10.53 -9.53
N LEU A 382 14.86 9.47 -9.90
CA LEU A 382 13.48 9.60 -10.36
C LEU A 382 12.46 9.18 -9.31
N LYS A 383 12.90 8.73 -8.14
CA LYS A 383 12.00 8.60 -7.01
C LYS A 383 11.60 9.97 -6.50
N GLY A 384 10.58 10.00 -5.63
CA GLY A 384 10.16 11.25 -5.05
C GLY A 384 8.86 11.77 -5.62
N GLU A 385 8.69 13.09 -5.60
CA GLU A 385 7.40 13.70 -5.85
C GLU A 385 7.15 13.81 -7.35
N TRP A 386 6.06 13.22 -7.81
CA TRP A 386 5.51 13.37 -9.14
C TRP A 386 4.13 13.99 -8.99
N GLN A 387 3.56 14.42 -10.10
CA GLN A 387 2.16 14.82 -10.13
C GLN A 387 1.37 13.82 -10.95
N TYR A 388 0.12 13.59 -10.56
CA TYR A 388 -0.71 12.60 -11.22
C TYR A 388 -2.08 13.16 -11.57
N LYS A 389 -2.66 12.63 -12.63
CA LYS A 389 -4.05 12.88 -12.96
C LYS A 389 -4.60 11.63 -13.63
N VAL A 390 -5.80 11.24 -13.25
CA VAL A 390 -6.43 10.05 -13.80
C VAL A 390 -6.93 10.36 -15.20
N GLY A 391 -6.48 9.58 -16.18
CA GLY A 391 -6.95 9.75 -17.54
C GLY A 391 -8.23 8.99 -17.81
N GLU A 392 -8.33 7.80 -17.21
CA GLU A 392 -9.53 6.98 -17.37
C GLU A 392 -9.64 6.03 -16.18
N ALA A 393 -10.86 5.79 -15.74
CA ALA A 393 -11.17 4.76 -14.76
C ALA A 393 -12.07 3.73 -15.45
N TYR A 394 -11.65 2.46 -15.42
CA TYR A 394 -12.43 1.41 -16.05
C TYR A 394 -13.62 1.06 -15.17
N ARG A 395 -14.78 0.92 -15.80
CA ARG A 395 -15.94 0.47 -15.06
C ARG A 395 -15.81 -1.03 -14.78
N PRO A 396 -16.13 -1.48 -13.57
CA PRO A 396 -16.09 -2.91 -13.28
C PRO A 396 -17.00 -3.69 -14.22
N ALA A 397 -16.61 -4.94 -14.49
CA ALA A 397 -17.38 -5.82 -15.36
C ALA A 397 -16.98 -7.26 -15.07
N PHE A 398 -17.85 -8.20 -15.46
CA PHE A 398 -17.54 -9.61 -15.23
C PHE A 398 -16.47 -10.10 -16.18
N ARG A 399 -15.50 -10.85 -15.64
CA ARG A 399 -14.30 -11.22 -16.38
C ARG A 399 -13.92 -12.68 -16.19
N GLY A 400 -14.86 -13.55 -15.86
CA GLY A 400 -14.57 -14.94 -15.60
C GLY A 400 -14.77 -15.89 -16.75
N GLY A 401 -15.20 -15.39 -17.91
CA GLY A 401 -15.41 -16.24 -19.05
C GLY A 401 -16.78 -16.08 -19.67
N PRO A 402 -17.11 -16.93 -20.65
CA PRO A 402 -16.31 -18.05 -21.16
C PRO A 402 -15.08 -17.61 -21.96
N PHE A 403 -14.02 -18.42 -21.93
CA PHE A 403 -12.77 -18.10 -22.59
C PHE A 403 -12.52 -19.09 -23.71
N ARG A 404 -11.77 -18.64 -24.72
CA ARG A 404 -11.27 -19.54 -25.73
C ARG A 404 -10.28 -20.53 -25.09
N ILE A 405 -10.06 -21.63 -25.78
CA ILE A 405 -9.06 -22.60 -25.34
C ILE A 405 -7.68 -22.07 -25.71
N GLN A 406 -6.89 -21.71 -24.70
CA GLN A 406 -5.54 -21.21 -24.91
C GLN A 406 -4.59 -22.40 -24.95
N GLU A 407 -3.93 -22.61 -26.08
CA GLU A 407 -3.26 -23.89 -26.34
C GLU A 407 -2.13 -24.14 -25.34
N GLN A 408 -1.36 -23.12 -24.99
CA GLN A 408 -0.23 -23.37 -24.11
C GLN A 408 -0.62 -23.63 -22.66
N ALA A 409 -1.89 -23.49 -22.29
CA ALA A 409 -2.36 -23.88 -20.98
C ALA A 409 -2.88 -25.31 -20.92
N GLN A 410 -2.90 -26.02 -22.06
CA GLN A 410 -3.54 -27.32 -22.21
C GLN A 410 -2.56 -28.44 -21.90
N PRO A 411 -3.03 -29.49 -21.23
CA PRO A 411 -2.15 -30.61 -20.91
C PRO A 411 -1.55 -31.21 -22.18
N THR A 412 -0.26 -31.55 -22.11
CA THR A 412 0.55 -32.15 -23.18
C THR A 412 0.93 -31.21 -24.31
N ALA A 413 0.30 -30.03 -24.39
CA ALA A 413 0.38 -29.24 -25.63
C ALA A 413 1.80 -28.78 -25.92
N LEU A 414 2.56 -28.40 -24.89
CA LEU A 414 3.93 -27.96 -25.10
C LEU A 414 4.87 -29.14 -25.27
N TYR A 415 4.69 -30.20 -24.50
CA TYR A 415 5.44 -31.42 -24.73
C TYR A 415 5.35 -31.84 -26.20
N ASN A 416 4.12 -31.87 -26.74
CA ASN A 416 3.89 -32.41 -28.07
C ASN A 416 4.70 -31.67 -29.12
N ALA A 417 4.76 -30.35 -29.04
CA ALA A 417 5.38 -29.54 -30.08
C ALA A 417 6.83 -29.15 -29.80
N MET A 418 7.24 -29.10 -28.53
CA MET A 418 8.58 -28.63 -28.19
C MET A 418 9.49 -29.64 -27.48
N ILE A 419 8.99 -30.82 -27.10
CA ILE A 419 9.82 -31.87 -26.54
C ILE A 419 9.80 -33.13 -27.39
N ALA A 420 8.60 -33.63 -27.71
CA ALA A 420 8.47 -34.86 -28.49
C ALA A 420 9.31 -34.92 -29.76
N PRO A 421 9.49 -33.84 -30.55
CA PRO A 421 10.27 -33.96 -31.78
C PRO A 421 11.74 -34.32 -31.59
N VAL A 422 12.30 -34.20 -30.38
CA VAL A 422 13.72 -34.47 -30.18
C VAL A 422 13.97 -35.80 -29.47
N VAL A 423 12.97 -36.66 -29.32
CA VAL A 423 13.17 -37.90 -28.58
C VAL A 423 14.23 -38.79 -29.21
N GLN A 424 14.39 -38.71 -30.54
CA GLN A 424 15.42 -39.50 -31.22
C GLN A 424 16.79 -38.84 -31.18
N TYR A 425 16.87 -37.56 -30.80
CA TYR A 425 18.14 -36.85 -30.73
C TYR A 425 18.84 -37.26 -29.44
N GLY A 426 20.12 -37.62 -29.53
CA GLY A 426 20.83 -38.01 -28.33
C GLY A 426 21.05 -36.82 -27.42
N ILE A 427 20.84 -37.04 -26.11
CA ILE A 427 21.04 -35.98 -25.13
C ILE A 427 21.76 -36.54 -23.91
N LYS A 428 22.43 -35.65 -23.19
CA LYS A 428 23.19 -36.00 -22.00
C LYS A 428 22.34 -35.95 -20.74
N GLY A 429 21.45 -34.97 -20.64
CA GLY A 429 20.62 -34.85 -19.45
C GLY A 429 19.67 -33.68 -19.61
N VAL A 430 18.87 -33.46 -18.56
CA VAL A 430 17.81 -32.46 -18.55
C VAL A 430 18.01 -31.53 -17.36
N LEU A 431 17.87 -30.23 -17.59
CA LEU A 431 17.74 -29.23 -16.54
C LEU A 431 16.32 -28.68 -16.60
N TRP A 432 15.66 -28.59 -15.45
CA TRP A 432 14.26 -28.22 -15.36
C TRP A 432 14.11 -27.15 -14.29
N TYR A 433 13.47 -26.04 -14.63
CA TYR A 433 13.23 -24.95 -13.67
C TYR A 433 11.79 -24.48 -13.91
N GLN A 434 10.87 -24.98 -13.09
CA GLN A 434 9.45 -24.72 -13.27
C GLN A 434 8.74 -24.92 -11.94
N GLY A 435 7.56 -24.32 -11.82
CA GLY A 435 6.73 -24.61 -10.68
C GLY A 435 5.93 -23.41 -10.22
N GLU A 436 6.39 -22.22 -10.58
CA GLU A 436 5.71 -20.99 -10.21
C GLU A 436 4.23 -21.01 -10.61
N SER A 437 3.92 -21.63 -11.75
CA SER A 437 2.54 -21.71 -12.23
C SER A 437 1.77 -22.91 -11.68
N ASN A 438 2.36 -23.69 -10.77
CA ASN A 438 1.67 -24.79 -10.12
C ASN A 438 1.51 -24.62 -8.61
N VAL A 439 1.76 -23.44 -8.06
CA VAL A 439 1.60 -23.27 -6.62
C VAL A 439 0.14 -23.46 -6.19
N GLY A 440 -0.81 -23.31 -7.10
CA GLY A 440 -2.21 -23.55 -6.79
C GLY A 440 -2.58 -25.02 -6.64
N ASN A 441 -1.80 -25.92 -7.20
CA ASN A 441 -1.97 -27.33 -6.93
C ASN A 441 -0.66 -27.91 -6.43
N ALA A 442 -0.10 -27.25 -5.40
CA ALA A 442 1.23 -27.61 -4.91
C ALA A 442 1.25 -29.01 -4.31
N LEU A 443 0.16 -29.43 -3.65
CA LEU A 443 0.11 -30.79 -3.13
C LEU A 443 0.19 -31.81 -4.26
N THR A 444 -0.47 -31.51 -5.38
CA THR A 444 -0.49 -32.41 -6.52
C THR A 444 0.89 -32.54 -7.16
N TYR A 445 1.73 -31.51 -7.00
CA TYR A 445 3.06 -31.49 -7.63
C TYR A 445 3.94 -32.63 -7.13
N LYS A 446 3.68 -33.14 -5.92
CA LYS A 446 4.39 -34.31 -5.42
C LYS A 446 4.28 -35.47 -6.38
N LYS A 447 3.15 -35.59 -7.07
CA LYS A 447 2.95 -36.62 -8.08
C LYS A 447 3.33 -36.13 -9.48
N LEU A 448 3.09 -34.85 -9.77
CA LEU A 448 3.31 -34.35 -11.13
C LEU A 448 4.77 -34.36 -11.53
N LEU A 449 5.67 -34.03 -10.59
CA LEU A 449 7.09 -33.97 -10.95
C LEU A 449 7.67 -35.35 -11.25
N PRO A 450 7.55 -36.35 -10.38
CA PRO A 450 8.02 -37.69 -10.77
C PRO A 450 7.36 -38.22 -12.02
N ALA A 451 6.08 -37.89 -12.25
CA ALA A 451 5.40 -38.35 -13.46
C ALA A 451 6.01 -37.74 -14.71
N LEU A 452 6.38 -36.45 -14.66
CA LEU A 452 7.03 -35.86 -15.81
C LEU A 452 8.38 -36.51 -16.07
N ILE A 453 9.20 -36.67 -15.01
CA ILE A 453 10.51 -37.28 -15.15
C ILE A 453 10.40 -38.65 -15.81
N GLN A 454 9.52 -39.51 -15.28
CA GLN A 454 9.38 -40.84 -15.85
C GLN A 454 8.76 -40.83 -17.23
N ASN A 455 7.89 -39.85 -17.52
CA ASN A 455 7.33 -39.75 -18.87
C ASN A 455 8.42 -39.42 -19.88
N TRP A 456 9.20 -38.37 -19.63
CA TRP A 456 10.25 -38.01 -20.58
C TRP A 456 11.26 -39.15 -20.74
N ARG A 457 11.61 -39.82 -19.63
CA ARG A 457 12.51 -40.96 -19.72
C ARG A 457 11.94 -42.06 -20.61
N ALA A 458 10.64 -42.32 -20.50
CA ALA A 458 10.01 -43.32 -21.35
C ALA A 458 10.02 -42.88 -22.81
N GLN A 459 9.65 -41.63 -23.08
CA GLN A 459 9.52 -41.19 -24.46
C GLN A 459 10.86 -41.04 -25.15
N PHE A 460 11.88 -40.62 -24.41
CA PHE A 460 13.24 -40.59 -24.93
C PHE A 460 13.88 -41.98 -24.98
N LYS A 461 13.23 -43.00 -24.43
CA LYS A 461 13.81 -44.33 -24.29
C LYS A 461 15.17 -44.25 -23.59
N ARG A 462 15.18 -43.53 -22.47
CA ARG A 462 16.38 -43.26 -21.68
C ARG A 462 15.94 -43.36 -20.21
N ARG A 463 15.77 -44.59 -19.72
CA ARG A 463 15.27 -44.78 -18.36
C ARG A 463 16.27 -44.34 -17.31
N ASP A 464 17.48 -44.00 -17.73
CA ASP A 464 18.58 -43.55 -16.90
C ASP A 464 18.85 -42.05 -17.03
N LEU A 465 18.02 -41.32 -17.76
CA LEU A 465 18.33 -39.95 -18.16
C LEU A 465 18.47 -39.02 -16.95
N PRO A 466 19.65 -38.43 -16.73
CA PRO A 466 19.80 -37.47 -15.62
C PRO A 466 18.81 -36.32 -15.73
N PHE A 467 18.18 -35.98 -14.60
CA PHE A 467 17.16 -34.95 -14.54
C PHE A 467 17.43 -34.12 -13.30
N TYR A 468 17.94 -32.91 -13.49
CA TYR A 468 18.33 -32.02 -12.39
C TYR A 468 17.41 -30.81 -12.40
N TYR A 469 16.78 -30.51 -11.27
CA TYR A 469 15.73 -29.51 -11.21
C TYR A 469 16.00 -28.47 -10.14
N VAL A 470 15.34 -27.33 -10.29
CA VAL A 470 15.53 -26.17 -9.43
C VAL A 470 14.37 -26.09 -8.45
N GLN A 471 14.67 -26.20 -7.16
CA GLN A 471 13.68 -25.90 -6.13
C GLN A 471 13.38 -24.40 -6.15
N LEU A 472 12.11 -24.05 -6.01
CA LEU A 472 11.73 -22.66 -6.22
C LEU A 472 12.44 -21.76 -5.22
N PRO A 473 12.86 -20.56 -5.63
CA PRO A 473 13.54 -19.63 -4.73
C PRO A 473 12.52 -18.96 -3.81
N ASN A 474 13.02 -18.16 -2.89
CA ASN A 474 12.16 -17.33 -2.07
C ASN A 474 11.48 -16.27 -2.94
N TYR A 475 10.25 -15.93 -2.57
CA TYR A 475 9.49 -14.93 -3.30
C TYR A 475 8.35 -14.42 -2.41
N GLY A 476 8.05 -13.13 -2.52
CA GLY A 476 6.85 -12.58 -1.93
C GLY A 476 7.08 -11.88 -0.62
N ASP A 477 5.97 -11.45 -0.02
CA ASP A 477 6.03 -10.75 1.25
C ASP A 477 6.59 -11.64 2.33
N MET A 478 7.37 -11.05 3.23
CA MET A 478 7.86 -11.75 4.40
C MET A 478 6.89 -11.66 5.57
N ARG A 479 6.90 -12.70 6.39
CA ARG A 479 6.05 -12.82 7.56
C ARG A 479 6.95 -13.01 8.78
N TYR A 480 6.47 -12.55 9.92
CA TYR A 480 7.25 -12.62 11.14
C TYR A 480 6.61 -13.53 12.20
N GLN A 481 5.59 -14.30 11.82
CA GLN A 481 4.97 -15.38 12.57
C GLN A 481 4.94 -16.63 11.70
N PRO A 482 5.05 -17.82 12.30
CA PRO A 482 4.86 -19.06 11.53
C PRO A 482 3.54 -19.05 10.78
N GLY A 483 3.53 -19.71 9.62
CA GLY A 483 2.33 -19.76 8.80
C GLY A 483 2.45 -20.80 7.72
N GLU A 484 1.30 -21.11 7.11
CA GLU A 484 1.21 -22.03 6.00
C GLU A 484 1.70 -21.36 4.72
N SER A 485 2.16 -22.16 3.75
CA SER A 485 2.77 -21.61 2.54
C SER A 485 2.64 -22.58 1.37
N ALA A 486 2.05 -22.10 0.27
CA ALA A 486 1.93 -22.92 -0.93
C ALA A 486 3.27 -23.07 -1.63
N TRP A 487 4.09 -22.00 -1.61
CA TRP A 487 5.44 -22.11 -2.16
C TRP A 487 6.24 -23.15 -1.40
N ALA A 488 6.09 -23.20 -0.08
CA ALA A 488 6.81 -24.20 0.70
C ALA A 488 6.38 -25.61 0.31
N MET A 489 5.08 -25.80 0.04
CA MET A 489 4.62 -27.11 -0.41
C MET A 489 5.24 -27.50 -1.75
N LEU A 490 5.39 -26.51 -2.65
CA LEU A 490 6.05 -26.77 -3.92
C LEU A 490 7.53 -27.12 -3.71
N ARG A 491 8.20 -26.46 -2.76
CA ARG A 491 9.58 -26.80 -2.47
C ARG A 491 9.71 -28.19 -1.86
N GLU A 492 8.71 -28.60 -1.08
CA GLU A 492 8.72 -29.95 -0.52
C GLU A 492 8.54 -31.00 -1.60
N ALA A 493 7.68 -30.74 -2.60
CA ALA A 493 7.52 -31.67 -3.70
C ALA A 493 8.85 -31.91 -4.39
N ALA A 494 9.63 -30.86 -4.59
CA ALA A 494 10.95 -31.01 -5.19
C ALA A 494 11.89 -31.82 -4.29
N LEU A 495 11.88 -31.51 -2.98
CA LEU A 495 12.72 -32.24 -2.04
C LEU A 495 12.41 -33.73 -2.06
N GLU A 496 11.12 -34.08 -2.04
CA GLU A 496 10.73 -35.47 -1.95
C GLU A 496 10.95 -36.24 -3.24
N THR A 497 11.00 -35.53 -4.37
CA THR A 497 11.25 -36.17 -5.65
C THR A 497 12.67 -36.70 -5.78
N LEU A 498 13.54 -36.39 -4.81
CA LEU A 498 14.87 -36.97 -4.79
C LEU A 498 14.84 -38.49 -4.61
N LYS A 499 13.70 -39.07 -4.27
CA LYS A 499 13.54 -40.51 -4.27
C LYS A 499 13.70 -41.10 -5.67
N VAL A 500 13.45 -40.31 -6.71
CA VAL A 500 13.52 -40.81 -8.09
C VAL A 500 15.00 -41.00 -8.48
N PRO A 501 15.38 -42.15 -9.02
CA PRO A 501 16.79 -42.36 -9.35
C PRO A 501 17.30 -41.32 -10.34
N ASN A 502 18.59 -41.00 -10.21
CA ASN A 502 19.30 -40.17 -11.19
C ASN A 502 18.73 -38.76 -11.27
N THR A 503 18.34 -38.21 -10.12
CA THR A 503 17.88 -36.84 -10.02
C THR A 503 18.77 -36.03 -9.10
N GLY A 504 18.65 -34.71 -9.21
CA GLY A 504 19.33 -33.80 -8.29
C GLY A 504 18.54 -32.51 -8.24
N MET A 505 18.73 -31.76 -7.16
CA MET A 505 17.95 -30.56 -6.89
C MET A 505 18.86 -29.42 -6.47
N ALA A 506 18.70 -28.27 -7.12
CA ALA A 506 19.38 -27.05 -6.70
C ALA A 506 18.47 -26.26 -5.77
N VAL A 507 18.99 -25.89 -4.60
CA VAL A 507 18.27 -25.04 -3.66
C VAL A 507 18.55 -23.59 -4.02
N THR A 508 17.49 -22.77 -4.03
CA THR A 508 17.62 -21.36 -4.40
C THR A 508 16.94 -20.41 -3.42
N ILE A 509 16.70 -20.87 -2.19
CA ILE A 509 15.98 -20.10 -1.18
C ILE A 509 16.67 -18.79 -0.81
N ASP A 510 17.92 -18.61 -1.22
CA ASP A 510 18.70 -17.42 -0.95
C ASP A 510 18.95 -16.57 -2.19
N LEU A 511 18.33 -16.91 -3.32
CA LEU A 511 18.62 -16.26 -4.59
C LEU A 511 17.45 -15.49 -5.17
N GLY A 512 16.28 -15.50 -4.53
CA GLY A 512 15.11 -14.81 -5.05
C GLY A 512 14.97 -13.43 -4.47
N GLU A 513 13.85 -12.79 -4.80
CA GLU A 513 13.58 -11.41 -4.39
C GLU A 513 12.15 -11.28 -3.89
N TRP A 514 11.95 -10.44 -2.87
CA TRP A 514 10.62 -10.31 -2.30
C TRP A 514 9.64 -9.70 -3.29
N ASN A 515 10.11 -8.82 -4.17
CA ASN A 515 9.25 -8.01 -5.03
C ASN A 515 9.32 -8.40 -6.50
N ASP A 516 9.83 -9.59 -6.80
CA ASP A 516 9.95 -9.99 -8.20
C ASP A 516 9.96 -11.50 -8.31
N ILE A 517 9.09 -12.02 -9.18
CA ILE A 517 9.08 -13.46 -9.49
C ILE A 517 10.16 -13.83 -10.49
N HIS A 518 10.85 -12.85 -11.06
CA HIS A 518 11.96 -13.07 -12.00
C HIS A 518 13.23 -12.46 -11.41
N PRO A 519 13.81 -13.10 -10.39
CA PRO A 519 14.98 -12.53 -9.74
C PRO A 519 16.19 -12.46 -10.68
N ASP A 520 17.12 -11.59 -10.33
CA ASP A 520 18.21 -11.27 -11.24
C ASP A 520 19.34 -12.28 -11.21
N ASP A 521 19.53 -13.01 -10.09
CA ASP A 521 20.70 -13.85 -9.89
C ASP A 521 20.50 -15.19 -10.57
N LYS A 522 20.74 -15.23 -11.88
CA LYS A 522 20.71 -16.48 -12.62
C LYS A 522 22.03 -17.23 -12.55
N LYS A 523 23.14 -16.53 -12.30
CA LYS A 523 24.46 -17.18 -12.27
C LYS A 523 24.51 -18.27 -11.21
N ASP A 524 24.03 -17.98 -10.00
CA ASP A 524 24.13 -18.97 -8.95
C ASP A 524 23.20 -20.15 -9.17
N VAL A 525 22.09 -19.94 -9.89
CA VAL A 525 21.22 -21.06 -10.24
C VAL A 525 21.95 -22.00 -11.19
N GLY A 526 22.50 -21.46 -12.27
CA GLY A 526 23.19 -22.31 -13.24
C GLY A 526 24.41 -22.99 -12.67
N GLU A 527 25.16 -22.29 -11.81
CA GLU A 527 26.35 -22.89 -11.23
C GLU A 527 26.02 -23.93 -10.18
N ARG A 528 24.91 -23.78 -9.46
CA ARG A 528 24.51 -24.83 -8.55
C ARG A 528 24.05 -26.08 -9.29
N LEU A 529 23.37 -25.91 -10.42
CA LEU A 529 23.05 -27.05 -11.27
C LEU A 529 24.32 -27.69 -11.82
N ALA A 530 25.33 -26.88 -12.14
CA ALA A 530 26.59 -27.42 -12.64
C ALA A 530 27.30 -28.26 -11.59
N LEU A 531 27.19 -27.89 -10.31
CA LEU A 531 27.76 -28.74 -9.27
C LEU A 531 27.11 -30.12 -9.28
N ILE A 532 25.79 -30.17 -9.46
CA ILE A 532 25.09 -31.44 -9.51
C ILE A 532 25.59 -32.28 -10.68
N ALA A 533 25.70 -31.66 -11.87
CA ALA A 533 26.15 -32.38 -13.05
C ALA A 533 27.59 -32.88 -12.88
N LYS A 534 28.47 -32.02 -12.35
CA LYS A 534 29.87 -32.42 -12.19
C LYS A 534 30.00 -33.67 -11.33
N ARG A 535 29.22 -33.75 -10.25
CA ARG A 535 29.27 -34.90 -9.36
C ARG A 535 28.58 -36.11 -9.99
N LEU A 536 27.37 -35.93 -10.52
CA LEU A 536 26.55 -37.07 -10.90
C LEU A 536 26.68 -37.46 -12.36
N SER A 537 27.02 -36.51 -13.24
CA SER A 537 27.20 -36.82 -14.65
C SER A 537 28.65 -36.91 -15.07
N TYR A 538 29.55 -36.21 -14.39
CA TYR A 538 30.96 -36.16 -14.78
C TYR A 538 31.89 -36.81 -13.76
N GLY A 539 31.34 -37.53 -12.79
CA GLY A 539 32.13 -38.42 -11.95
C GLY A 539 33.10 -37.75 -10.99
N GLU A 540 32.86 -36.50 -10.61
CA GLU A 540 33.73 -35.83 -9.65
C GLU A 540 33.30 -36.31 -8.28
N LYS A 541 33.87 -37.42 -7.83
CA LYS A 541 33.27 -38.21 -6.74
C LYS A 541 33.31 -37.54 -5.36
N ASN A 542 34.23 -36.60 -5.13
CA ASN A 542 34.35 -35.99 -3.81
C ASN A 542 33.78 -34.58 -3.75
N LEU A 543 33.03 -34.17 -4.76
CA LEU A 543 32.56 -32.79 -4.83
C LEU A 543 31.31 -32.65 -3.97
N VAL A 544 31.32 -31.64 -3.10
CA VAL A 544 30.11 -31.28 -2.37
C VAL A 544 29.19 -30.55 -3.34
N TYR A 545 28.01 -31.12 -3.60
CA TYR A 545 27.11 -30.62 -4.62
C TYR A 545 25.72 -30.29 -4.11
N SER A 546 25.45 -30.48 -2.82
CA SER A 546 24.18 -30.12 -2.24
C SER A 546 24.44 -29.50 -0.88
N GLY A 547 23.56 -28.58 -0.49
CA GLY A 547 23.46 -28.17 0.89
C GLY A 547 22.73 -29.20 1.70
N PRO A 548 22.71 -28.99 3.02
CA PRO A 548 22.17 -30.01 3.93
C PRO A 548 20.73 -30.39 3.60
N ILE A 549 20.46 -31.69 3.58
CA ILE A 549 19.15 -32.23 3.23
C ILE A 549 18.63 -32.97 4.45
N TYR A 550 17.43 -32.60 4.90
CA TYR A 550 16.79 -33.26 6.04
C TYR A 550 16.80 -34.77 5.87
N LYS A 551 17.29 -35.48 6.88
CA LYS A 551 17.32 -36.94 6.89
C LYS A 551 16.32 -37.54 7.87
N SER A 552 16.39 -37.14 9.13
CA SER A 552 15.55 -37.75 10.16
C SER A 552 15.60 -36.84 11.37
N SER A 553 14.70 -37.11 12.32
CA SER A 553 14.62 -36.35 13.55
C SER A 553 14.12 -37.27 14.66
N THR A 554 14.60 -37.03 15.87
CA THR A 554 14.13 -37.74 17.06
C THR A 554 13.82 -36.75 18.17
N ILE A 555 12.80 -37.09 18.94
CA ILE A 555 12.39 -36.29 20.09
C ILE A 555 13.16 -36.78 21.31
N GLU A 556 13.76 -35.86 22.05
CA GLU A 556 14.42 -36.17 23.32
C GLU A 556 14.00 -35.13 24.37
N GLY A 557 13.00 -35.48 25.17
CA GLY A 557 12.46 -34.56 26.14
C GLY A 557 11.77 -33.39 25.48
N ASN A 558 12.24 -32.18 25.76
CA ASN A 558 11.72 -30.97 25.15
C ASN A 558 12.50 -30.53 23.91
N LYS A 559 13.34 -31.39 23.37
CA LYS A 559 14.15 -31.07 22.21
C LYS A 559 13.85 -32.04 21.08
N ILE A 560 14.10 -31.58 19.86
CA ILE A 560 14.11 -32.42 18.68
C ILE A 560 15.47 -32.31 18.02
N ILE A 561 16.09 -33.46 17.73
CA ILE A 561 17.43 -33.53 17.15
C ILE A 561 17.28 -33.87 15.68
N VAL A 562 17.80 -33.01 14.81
CA VAL A 562 17.61 -33.15 13.36
C VAL A 562 18.94 -33.56 12.73
N SER A 563 18.91 -34.65 11.96
CA SER A 563 20.05 -35.14 11.21
C SER A 563 19.88 -34.80 9.73
N PHE A 564 21.01 -34.61 9.05
CA PHE A 564 21.04 -34.20 7.66
C PHE A 564 22.01 -35.06 6.84
N GLU A 565 21.69 -35.22 5.57
CA GLU A 565 22.66 -35.57 4.55
C GLU A 565 23.29 -34.30 3.97
N HIS A 566 24.40 -34.48 3.24
CA HIS A 566 25.04 -33.40 2.50
C HIS A 566 25.54 -32.28 3.42
N ILE A 567 26.20 -32.67 4.51
CA ILE A 567 26.75 -31.69 5.45
C ILE A 567 28.11 -31.17 5.02
N GLY A 568 28.67 -31.68 3.91
CA GLY A 568 29.97 -31.21 3.46
C GLY A 568 31.00 -31.38 4.56
N SER A 569 31.83 -30.37 4.75
CA SER A 569 32.80 -30.41 5.83
C SER A 569 32.24 -29.93 7.16
N GLY A 570 30.96 -29.60 7.20
CA GLY A 570 30.28 -29.24 8.44
C GLY A 570 29.16 -28.25 8.19
N LEU A 571 28.22 -28.22 9.14
CA LEU A 571 27.15 -27.24 9.13
C LEU A 571 27.67 -25.88 9.62
N LYS A 572 27.06 -24.81 9.12
CA LYS A 572 27.37 -23.48 9.62
C LYS A 572 26.16 -22.57 9.40
N THR A 573 26.22 -21.39 10.02
CA THR A 573 25.31 -20.31 9.67
C THR A 573 26.00 -19.34 8.72
N ARG A 574 25.24 -18.84 7.75
CA ARG A 574 25.80 -17.98 6.71
C ARG A 574 26.38 -16.70 7.30
N ASP A 575 25.67 -16.08 8.24
CA ASP A 575 26.04 -14.78 8.76
C ASP A 575 26.83 -14.84 10.07
N GLY A 576 27.13 -16.04 10.57
CA GLY A 576 27.73 -16.15 11.89
C GLY A 576 26.80 -15.81 13.03
N GLU A 577 25.52 -15.61 12.76
CA GLU A 577 24.53 -15.33 13.78
C GLU A 577 23.81 -16.63 14.16
N SER A 578 22.84 -16.51 15.06
N SER A 578 22.85 -16.52 15.06
CA SER A 578 22.07 -17.66 15.47
CA SER A 578 22.09 -17.68 15.48
C SER A 578 21.26 -18.21 14.30
C SER A 578 21.22 -18.20 14.34
N LEU A 579 20.97 -19.50 14.36
CA LEU A 579 20.15 -20.14 13.33
C LEU A 579 18.75 -19.53 13.34
N SER A 580 18.26 -19.17 12.16
N SER A 580 18.27 -19.15 12.17
CA SER A 580 17.00 -18.48 11.99
CA SER A 580 16.98 -18.50 12.03
C SER A 580 16.03 -19.34 11.19
C SER A 580 16.03 -19.37 11.21
N GLN A 581 14.74 -19.03 11.30
CA GLN A 581 13.65 -19.65 10.55
C GLN A 581 13.27 -21.04 11.00
N PHE A 582 13.76 -21.49 12.16
CA PHE A 582 13.33 -22.77 12.73
C PHE A 582 12.08 -22.58 13.56
N GLU A 583 11.17 -23.55 13.46
CA GLU A 583 9.93 -23.59 14.20
C GLU A 583 9.80 -24.95 14.87
N ILE A 584 8.96 -25.00 15.90
CA ILE A 584 8.71 -26.25 16.61
C ILE A 584 7.26 -26.23 17.08
N ALA A 585 6.66 -27.41 17.15
CA ALA A 585 5.27 -27.53 17.58
C ALA A 585 5.09 -28.86 18.28
N GLY A 586 4.09 -28.93 19.15
CA GLY A 586 3.64 -30.16 19.74
C GLY A 586 2.59 -30.82 18.87
N ALA A 587 1.80 -31.70 19.51
CA ALA A 587 0.83 -32.50 18.78
C ALA A 587 -0.19 -31.64 18.05
N ASP A 588 -0.47 -30.43 18.54
CA ASP A 588 -1.48 -29.59 17.93
C ASP A 588 -1.02 -28.89 16.66
N LYS A 589 0.26 -29.04 16.28
CA LYS A 589 0.81 -28.41 15.07
C LYS A 589 0.69 -26.88 15.08
N LYS A 590 0.60 -26.28 16.26
CA LYS A 590 0.69 -24.83 16.40
C LYS A 590 2.16 -24.47 16.60
N PHE A 591 2.81 -24.05 15.51
CA PHE A 591 4.24 -23.81 15.51
C PHE A 591 4.58 -22.47 16.12
N VAL A 592 5.70 -22.42 16.83
CA VAL A 592 6.28 -21.19 17.34
C VAL A 592 7.73 -21.12 16.86
N TRP A 593 8.26 -19.90 16.77
CA TRP A 593 9.68 -19.77 16.44
C TRP A 593 10.50 -20.46 17.52
N ALA A 594 11.51 -21.21 17.09
CA ALA A 594 12.26 -22.06 18.00
C ALA A 594 13.73 -21.65 18.05
N ILE A 595 14.36 -21.99 19.16
CA ILE A 595 15.81 -21.92 19.28
C ILE A 595 16.41 -23.12 18.56
N ALA A 596 17.39 -22.87 17.70
CA ALA A 596 18.05 -23.93 16.95
C ALA A 596 19.56 -23.73 17.04
N GLU A 597 20.29 -24.81 17.32
CA GLU A 597 21.72 -24.71 17.49
C GLU A 597 22.44 -25.90 16.87
N ILE A 598 23.53 -25.62 16.16
CA ILE A 598 24.35 -26.66 15.56
C ILE A 598 25.17 -27.34 16.65
N LYS A 599 25.05 -28.66 16.74
CA LYS A 599 25.85 -29.48 17.66
C LYS A 599 26.41 -30.66 16.88
N GLY A 600 27.71 -30.65 16.65
CA GLY A 600 28.28 -31.70 15.83
C GLY A 600 27.73 -31.59 14.42
N ASN A 601 27.15 -32.68 13.93
CA ASN A 601 26.60 -32.71 12.58
C ASN A 601 25.10 -32.48 12.56
N GLN A 602 24.51 -32.11 13.69
CA GLN A 602 23.06 -32.06 13.83
C GLN A 602 22.62 -30.69 14.31
N VAL A 603 21.32 -30.46 14.24
CA VAL A 603 20.69 -29.24 14.73
C VAL A 603 19.70 -29.62 15.81
N ILE A 604 19.87 -29.02 16.99
CA ILE A 604 18.99 -29.25 18.15
C ILE A 604 17.99 -28.11 18.20
N VAL A 605 16.69 -28.46 18.25
CA VAL A 605 15.61 -27.50 18.17
C VAL A 605 14.75 -27.62 19.42
N HIS A 606 14.32 -26.49 19.96
CA HIS A 606 13.45 -26.48 21.13
C HIS A 606 12.89 -25.09 21.33
N SER A 607 11.81 -25.02 22.12
CA SER A 607 11.24 -23.76 22.54
C SER A 607 10.81 -23.92 23.99
N PRO A 608 11.11 -22.94 24.85
CA PRO A 608 10.56 -22.98 26.22
C PRO A 608 9.05 -23.03 26.28
N GLN A 609 8.36 -22.68 25.20
CA GLN A 609 6.90 -22.70 25.16
C GLN A 609 6.33 -24.04 24.75
N ILE A 610 7.16 -24.95 24.24
CA ILE A 610 6.71 -26.25 23.75
C ILE A 610 7.31 -27.32 24.65
N THR A 611 6.47 -27.92 25.50
CA THR A 611 6.94 -28.88 26.48
C THR A 611 7.12 -30.27 25.87
N LYS A 612 6.21 -30.69 25.00
CA LYS A 612 6.26 -32.00 24.34
C LYS A 612 6.34 -31.74 22.84
N PRO A 613 7.51 -31.38 22.33
CA PRO A 613 7.62 -31.08 20.90
C PRO A 613 7.53 -32.35 20.07
N MET A 614 6.99 -32.20 18.86
CA MET A 614 6.81 -33.34 17.98
C MET A 614 7.25 -33.05 16.55
N TYR A 615 7.22 -31.77 16.15
CA TYR A 615 7.46 -31.41 14.76
C TYR A 615 8.35 -30.18 14.68
N VAL A 616 9.16 -30.14 13.62
CA VAL A 616 10.07 -29.04 13.33
C VAL A 616 9.80 -28.56 11.90
N ARG A 617 9.92 -27.26 11.68
CA ARG A 617 9.91 -26.69 10.35
C ARG A 617 11.11 -25.74 10.23
N TYR A 618 11.69 -25.69 9.04
CA TYR A 618 12.75 -24.75 8.74
C TYR A 618 12.45 -24.05 7.43
N ALA A 619 12.46 -22.71 7.44
CA ALA A 619 12.27 -21.92 6.24
C ALA A 619 10.96 -22.28 5.53
N TRP A 620 9.90 -22.50 6.32
CA TRP A 620 8.61 -22.89 5.77
C TRP A 620 7.75 -21.65 5.54
N ALA A 621 8.00 -20.98 4.42
CA ALA A 621 7.33 -19.72 4.12
C ALA A 621 7.58 -19.39 2.67
N ASP A 622 6.76 -18.47 2.13
CA ASP A 622 7.02 -17.98 0.77
C ASP A 622 8.38 -17.33 0.66
N ASN A 623 8.75 -16.51 1.65
CA ASN A 623 10.00 -15.76 1.65
C ASN A 623 10.54 -15.69 3.06
N PRO A 624 11.23 -16.74 3.51
CA PRO A 624 11.86 -16.69 4.84
C PRO A 624 12.86 -15.55 4.93
N VAL A 625 12.81 -14.81 6.04
CA VAL A 625 13.61 -13.58 6.14
C VAL A 625 15.10 -13.87 6.07
N ASN A 626 15.57 -14.85 6.84
CA ASN A 626 17.00 -15.15 6.94
C ASN A 626 17.21 -16.65 7.04
N PRO A 627 17.04 -17.38 5.94
CA PRO A 627 17.35 -18.82 5.96
C PRO A 627 18.86 -19.02 5.93
N ASN A 628 19.47 -19.20 7.10
CA ASN A 628 20.92 -19.11 7.22
C ASN A 628 21.63 -20.43 7.52
N LEU A 629 20.97 -21.57 7.30
CA LEU A 629 21.62 -22.87 7.49
C LEU A 629 22.32 -23.27 6.20
N TYR A 630 23.64 -23.43 6.27
CA TYR A 630 24.47 -23.80 5.14
C TYR A 630 25.41 -24.92 5.56
N ASN A 631 26.09 -25.52 4.59
CA ASN A 631 27.32 -26.23 4.90
C ASN A 631 28.52 -25.33 4.63
N ILE A 632 29.70 -25.78 5.06
CA ILE A 632 30.88 -24.94 5.00
C ILE A 632 31.25 -24.59 3.56
N GLU A 633 30.87 -25.44 2.61
CA GLU A 633 31.00 -25.24 1.18
C GLU A 633 30.02 -24.22 0.61
N ASN A 634 29.25 -23.56 1.49
CA ASN A 634 28.39 -22.43 1.13
C ASN A 634 27.17 -22.83 0.30
N LEU A 635 26.69 -24.04 0.47
CA LEU A 635 25.44 -24.39 -0.17
C LEU A 635 24.31 -24.40 0.85
N PRO A 636 23.15 -23.82 0.51
CA PRO A 636 22.08 -23.68 1.49
C PRO A 636 21.31 -24.96 1.72
N ALA A 637 20.89 -25.15 2.96
CA ALA A 637 20.04 -26.29 3.28
C ALA A 637 18.67 -26.12 2.64
N SER A 638 18.07 -27.23 2.24
CA SER A 638 16.71 -27.17 1.76
C SER A 638 15.76 -26.83 2.90
N PRO A 639 14.75 -26.01 2.67
CA PRO A 639 13.65 -25.92 3.65
C PRO A 639 13.02 -27.29 3.83
N PHE A 640 12.43 -27.51 5.00
CA PHE A 640 11.79 -28.79 5.27
C PHE A 640 10.81 -28.64 6.41
N ARG A 641 9.93 -29.63 6.54
CA ARG A 641 9.12 -29.83 7.73
C ARG A 641 9.19 -31.30 8.08
N THR A 642 8.96 -31.61 9.35
CA THR A 642 8.89 -33.01 9.76
C THR A 642 7.47 -33.51 9.96
N ASP A 643 6.48 -32.63 9.96
CA ASP A 643 5.10 -33.07 9.98
C ASP A 643 4.64 -33.41 8.56
N ARG A 644 3.65 -34.29 8.47
CA ARG A 644 3.12 -34.69 7.17
C ARG A 644 1.63 -34.44 7.05
N HIS B 20 -19.06 24.81 52.65
CA HIS B 20 -18.76 26.21 52.43
C HIS B 20 -18.89 27.05 53.70
N MET B 21 -17.77 27.62 54.12
CA MET B 21 -17.75 28.62 55.18
C MET B 21 -17.18 29.94 54.67
N GLN B 22 -16.95 30.04 53.37
CA GLN B 22 -16.29 31.19 52.76
C GLN B 22 -16.85 31.34 51.35
N ILE B 23 -16.98 32.59 50.89
CA ILE B 23 -17.57 32.84 49.58
C ILE B 23 -16.78 32.12 48.50
N ARG B 24 -17.50 31.54 47.54
CA ARG B 24 -16.90 30.77 46.46
C ARG B 24 -17.60 31.12 45.15
N LEU B 25 -16.82 31.50 44.15
CA LEU B 25 -17.38 31.82 42.84
C LEU B 25 -17.19 30.66 41.86
N PRO B 26 -18.11 30.47 40.92
CA PRO B 26 -17.89 29.48 39.86
C PRO B 26 -16.62 29.82 39.10
N HIS B 27 -15.99 28.79 38.54
CA HIS B 27 -14.69 28.99 37.91
C HIS B 27 -14.79 29.88 36.69
N ILE B 28 -15.95 29.91 36.03
CA ILE B 28 -16.08 30.77 34.85
C ILE B 28 -16.22 32.24 35.22
N ILE B 29 -16.64 32.54 36.45
CA ILE B 29 -16.73 33.92 36.93
C ILE B 29 -15.42 34.23 37.64
N CYS B 30 -14.51 34.89 36.94
CA CYS B 30 -13.18 35.17 37.46
C CYS B 30 -12.62 36.38 36.70
N ASP B 31 -11.39 36.78 37.06
CA ASP B 31 -10.73 37.90 36.41
C ASP B 31 -10.76 37.73 34.90
N SER B 32 -10.87 38.85 34.18
CA SER B 32 -10.77 38.94 32.72
C SER B 32 -11.92 38.29 31.98
N MET B 33 -12.92 37.79 32.69
CA MET B 33 -14.14 37.24 32.10
C MET B 33 -14.82 38.23 31.15
N ILE B 34 -15.37 37.69 30.07
CA ILE B 34 -16.29 38.42 29.19
C ILE B 34 -17.69 37.93 29.51
N LEU B 35 -18.51 38.83 30.03
CA LEU B 35 -19.91 38.57 30.28
C LEU B 35 -20.74 39.00 29.08
N GLN B 36 -21.90 38.38 28.92
CA GLN B 36 -22.71 38.62 27.74
C GLN B 36 -23.41 39.97 27.86
N ARG B 37 -23.30 40.78 26.81
CA ARG B 37 -23.91 42.10 26.79
C ARG B 37 -25.38 41.99 26.42
N ASP B 38 -26.14 43.03 26.77
CA ASP B 38 -27.50 43.26 26.28
C ASP B 38 -28.49 42.19 26.74
N VAL B 39 -28.24 41.54 27.88
CA VAL B 39 -29.17 40.58 28.45
C VAL B 39 -29.15 40.71 29.96
N PRO B 40 -30.26 40.37 30.62
CA PRO B 40 -30.22 40.25 32.09
C PRO B 40 -29.21 39.17 32.48
N LEU B 41 -28.39 39.48 33.47
CA LEU B 41 -27.27 38.62 33.81
C LEU B 41 -27.50 37.99 35.18
N LYS B 42 -27.07 36.75 35.32
CA LYS B 42 -27.05 36.06 36.60
C LYS B 42 -25.61 35.92 37.05
N ILE B 43 -25.34 36.31 38.30
CA ILE B 43 -24.07 36.07 38.97
C ILE B 43 -24.39 35.20 40.19
N TRP B 44 -23.83 33.99 40.22
CA TRP B 44 -24.18 33.01 41.23
C TRP B 44 -22.92 32.46 41.91
N GLY B 45 -23.13 31.74 43.01
CA GLY B 45 -22.02 31.20 43.74
C GLY B 45 -22.48 30.54 45.02
N TRP B 46 -21.52 30.30 45.91
CA TRP B 46 -21.77 29.61 47.17
C TRP B 46 -21.17 30.41 48.33
N ALA B 47 -21.71 30.15 49.52
CA ALA B 47 -21.23 30.71 50.78
C ALA B 47 -21.83 29.88 51.90
N SER B 48 -21.57 30.29 53.14
CA SER B 48 -22.18 29.60 54.27
C SER B 48 -23.65 29.99 54.37
N PRO B 49 -24.49 29.12 54.93
CA PRO B 49 -25.93 29.40 54.96
C PRO B 49 -26.25 30.72 55.67
N GLY B 50 -27.09 31.52 55.03
CA GLY B 50 -27.52 32.79 55.57
C GLY B 50 -26.57 33.94 55.37
N GLU B 51 -25.40 33.72 54.78
CA GLU B 51 -24.42 34.78 54.65
C GLU B 51 -24.92 35.83 53.67
N GLN B 52 -24.92 37.09 54.09
CA GLN B 52 -25.28 38.18 53.21
C GLN B 52 -24.11 38.48 52.28
N ILE B 53 -24.39 38.47 50.98
CA ILE B 53 -23.40 38.76 49.96
C ILE B 53 -23.71 40.13 49.38
N VAL B 54 -22.70 41.01 49.34
CA VAL B 54 -22.84 42.32 48.74
C VAL B 54 -21.87 42.46 47.58
N LEU B 55 -22.39 42.82 46.42
CA LEU B 55 -21.60 43.01 45.21
C LEU B 55 -21.54 44.50 44.90
N GLN B 56 -20.33 45.04 44.80
CA GLN B 56 -20.13 46.41 44.37
C GLN B 56 -19.73 46.39 42.91
N PHE B 57 -20.53 47.03 42.06
CA PHE B 57 -20.34 46.94 40.63
C PHE B 57 -21.04 48.11 39.95
N ASN B 58 -20.34 48.76 39.03
CA ASN B 58 -20.91 49.82 38.20
C ASN B 58 -21.47 50.96 39.05
N GLY B 59 -20.74 51.31 40.10
CA GLY B 59 -21.12 52.43 40.94
C GLY B 59 -22.32 52.18 41.83
N LYS B 60 -22.69 50.93 42.06
CA LYS B 60 -23.93 50.64 42.75
C LYS B 60 -23.76 49.31 43.48
N LYS B 61 -24.56 49.11 44.52
CA LYS B 61 -24.43 47.93 45.37
C LYS B 61 -25.61 47.00 45.15
N TRP B 62 -25.36 45.70 45.22
CA TRP B 62 -26.39 44.67 45.07
C TRP B 62 -26.25 43.70 46.22
N SER B 63 -27.39 43.23 46.74
CA SER B 63 -27.40 42.43 47.95
C SER B 63 -28.31 41.23 47.80
N THR B 64 -27.90 40.10 48.38
CA THR B 64 -28.72 38.90 48.42
C THR B 64 -28.27 38.07 49.62
N LYS B 65 -29.12 37.15 50.05
CA LYS B 65 -28.84 36.30 51.18
C LYS B 65 -28.67 34.86 50.69
N THR B 66 -27.58 34.22 51.12
CA THR B 66 -27.33 32.84 50.76
C THR B 66 -28.37 31.94 51.38
N GLY B 67 -28.93 31.02 50.59
CA GLY B 67 -29.94 30.12 51.10
C GLY B 67 -29.36 29.04 51.98
N ALA B 68 -30.26 28.23 52.55
CA ALA B 68 -29.83 27.10 53.36
C ALA B 68 -29.08 26.06 52.54
N ASP B 69 -29.30 26.02 51.22
CA ASP B 69 -28.60 25.11 50.33
C ASP B 69 -27.21 25.60 49.98
N GLU B 70 -26.75 26.66 50.62
CA GLU B 70 -25.40 27.21 50.51
C GLU B 70 -25.20 27.98 49.20
N LYS B 71 -26.27 28.30 48.47
CA LYS B 71 -26.19 28.96 47.18
C LYS B 71 -26.78 30.36 47.25
N TRP B 72 -26.20 31.28 46.47
CA TRP B 72 -26.72 32.63 46.34
C TRP B 72 -26.77 33.02 44.87
N LEU B 73 -27.59 34.03 44.56
CA LEU B 73 -27.69 34.48 43.18
C LEU B 73 -28.03 35.96 43.18
N ILE B 74 -27.39 36.71 42.28
CA ILE B 74 -27.61 38.14 42.10
C ILE B 74 -27.97 38.37 40.65
N ASN B 75 -29.09 39.04 40.41
CA ASN B 75 -29.54 39.38 39.06
C ASN B 75 -29.10 40.80 38.74
N LEU B 76 -28.39 40.96 37.63
CA LEU B 76 -27.93 42.27 37.20
C LEU B 76 -28.67 42.70 35.94
N PRO B 77 -28.86 44.01 35.75
CA PRO B 77 -29.47 44.49 34.51
C PRO B 77 -28.49 44.38 33.34
N ALA B 78 -29.07 44.46 32.14
CA ALA B 78 -28.29 44.31 30.92
C ALA B 78 -27.21 45.39 30.82
N MET B 79 -26.06 45.01 30.25
CA MET B 79 -24.93 45.90 30.08
C MET B 79 -24.63 46.02 28.60
N LYS B 80 -24.29 47.23 28.15
CA LYS B 80 -23.82 47.47 26.79
C LYS B 80 -22.39 46.95 26.68
N ALA B 81 -21.97 46.64 25.45
CA ALA B 81 -20.61 46.19 25.22
C ALA B 81 -19.61 47.23 25.74
N GLY B 82 -18.54 46.75 26.36
CA GLY B 82 -17.51 47.65 26.82
C GLY B 82 -16.82 47.11 28.04
N GLY B 83 -16.24 48.03 28.80
CA GLY B 83 -15.38 47.71 29.92
C GLY B 83 -14.07 48.48 29.85
N PRO B 84 -13.13 48.18 30.75
CA PRO B 84 -13.18 47.16 31.80
C PRO B 84 -13.94 47.60 33.04
N TYR B 85 -14.49 46.64 33.77
CA TYR B 85 -15.17 46.86 35.03
C TYR B 85 -14.52 46.00 36.10
N THR B 86 -14.77 46.36 37.35
CA THR B 86 -14.42 45.52 38.48
C THR B 86 -15.69 45.10 39.19
N MET B 87 -15.59 43.99 39.92
CA MET B 87 -16.66 43.49 40.77
C MET B 87 -16.04 43.14 42.12
N GLU B 88 -16.56 43.74 43.18
CA GLU B 88 -16.10 43.47 44.53
C GLU B 88 -17.22 42.80 45.32
N PHE B 89 -16.98 41.56 45.73
CA PHE B 89 -17.93 40.78 46.49
C PHE B 89 -17.52 40.79 47.96
N SER B 90 -18.47 41.09 48.84
CA SER B 90 -18.22 41.14 50.28
C SER B 90 -19.19 40.22 50.99
N GLY B 91 -18.67 39.19 51.63
CA GLY B 91 -19.42 38.39 52.58
C GLY B 91 -18.66 38.36 53.89
N LYS B 92 -18.33 37.17 54.37
CA LYS B 92 -17.41 37.08 55.51
C LYS B 92 -15.98 37.42 55.09
N ASN B 93 -15.64 37.20 53.83
N ASN B 93 -15.66 37.20 53.82
CA ASN B 93 -14.39 37.66 53.27
CA ASN B 93 -14.39 37.56 53.21
C ASN B 93 -14.67 38.43 52.00
C ASN B 93 -14.68 38.38 51.96
N LYS B 94 -13.63 38.97 51.39
CA LYS B 94 -13.75 39.77 50.19
C LYS B 94 -13.09 39.05 49.00
N VAL B 95 -13.75 39.16 47.85
CA VAL B 95 -13.21 38.72 46.57
C VAL B 95 -13.40 39.87 45.60
N VAL B 96 -12.33 40.20 44.87
CA VAL B 96 -12.38 41.23 43.83
C VAL B 96 -12.01 40.60 42.50
N LEU B 97 -12.83 40.85 41.48
CA LEU B 97 -12.56 40.48 40.11
C LEU B 97 -12.33 41.75 39.31
N LYS B 98 -11.37 41.72 38.39
CA LYS B 98 -11.02 42.89 37.60
C LYS B 98 -10.97 42.53 36.12
N ASP B 99 -10.89 43.57 35.29
CA ASP B 99 -10.72 43.42 33.85
C ASP B 99 -11.94 42.74 33.20
N ILE B 100 -13.12 43.02 33.72
CA ILE B 100 -14.34 42.41 33.22
C ILE B 100 -14.82 43.18 32.00
N LEU B 101 -15.12 42.46 30.92
CA LEU B 101 -15.67 43.07 29.72
C LEU B 101 -17.08 42.54 29.50
N PHE B 102 -17.84 43.31 28.74
CA PHE B 102 -19.15 42.89 28.25
C PHE B 102 -19.10 42.82 26.73
N GLY B 103 -19.52 41.69 26.18
CA GLY B 103 -19.47 41.49 24.75
C GLY B 103 -20.27 40.27 24.37
N ASP B 104 -19.89 39.59 23.30
CA ASP B 104 -20.62 38.42 22.82
C ASP B 104 -19.82 37.17 23.14
N VAL B 105 -20.46 36.22 23.84
CA VAL B 105 -19.82 34.99 24.29
C VAL B 105 -20.31 33.85 23.41
N TRP B 106 -19.39 33.21 22.71
CA TRP B 106 -19.70 32.09 21.83
C TRP B 106 -19.20 30.79 22.46
N LEU B 107 -20.12 29.83 22.61
CA LEU B 107 -19.82 28.51 23.16
C LEU B 107 -19.37 27.63 21.99
N CYS B 108 -18.08 27.28 21.96
CA CYS B 108 -17.47 26.60 20.82
C CYS B 108 -17.15 25.17 21.22
N THR B 109 -17.74 24.21 20.51
CA THR B 109 -17.87 22.85 21.03
C THR B 109 -17.69 21.84 19.91
N GLY B 110 -17.42 20.58 20.31
CA GLY B 110 -17.36 19.48 19.39
C GLY B 110 -16.18 18.57 19.66
N GLN B 111 -15.69 17.87 18.63
CA GLN B 111 -14.55 16.98 18.84
C GLN B 111 -13.24 17.60 18.34
N SER B 112 -12.32 16.77 17.87
CA SER B 112 -10.92 17.18 17.77
C SER B 112 -10.66 18.31 16.78
N ASN B 113 -11.51 18.50 15.77
CA ASN B 113 -11.27 19.59 14.85
C ASN B 113 -11.76 20.94 15.36
N MET B 114 -12.57 20.95 16.42
CA MET B 114 -12.73 22.16 17.23
C MET B 114 -11.63 22.27 18.28
N VAL B 115 -11.19 21.15 18.84
CA VAL B 115 -10.08 21.16 19.81
C VAL B 115 -8.85 21.82 19.21
N HIS B 116 -8.47 21.41 18.00
CA HIS B 116 -7.21 21.81 17.38
C HIS B 116 -6.87 23.27 17.56
N GLN B 117 -5.75 23.51 18.24
CA GLN B 117 -5.33 24.84 18.61
C GLN B 117 -4.36 25.41 17.59
N LEU B 118 -4.19 26.73 17.63
CA LEU B 118 -3.31 27.40 16.68
C LEU B 118 -1.89 26.86 16.77
N LYS B 119 -1.48 26.38 17.95
CA LYS B 119 -0.11 25.90 18.11
C LYS B 119 0.19 24.69 17.23
N VAL B 120 -0.82 23.90 16.88
CA VAL B 120 -0.60 22.74 15.99
C VAL B 120 -0.90 23.08 14.53
N HIS B 121 -1.16 24.34 14.23
CA HIS B 121 -1.29 24.84 12.86
C HIS B 121 -0.40 26.04 12.67
N ASN B 122 0.75 26.06 13.35
CA ASN B 122 1.60 27.22 13.45
C ASN B 122 2.62 27.34 12.32
N ILE B 123 2.54 26.47 11.32
CA ILE B 123 3.28 26.69 10.08
C ILE B 123 2.41 27.53 9.17
N THR B 124 1.22 27.04 8.85
CA THR B 124 0.33 27.78 7.97
C THR B 124 -0.08 29.13 8.57
N TYR B 125 -0.27 29.18 9.89
CA TYR B 125 -0.78 30.39 10.54
C TYR B 125 0.29 31.08 11.39
N ALA B 126 1.57 30.90 11.06
CA ALA B 126 2.63 31.55 11.82
C ALA B 126 2.43 33.05 11.91
N GLN B 127 2.01 33.67 10.81
CA GLN B 127 1.91 35.12 10.82
C GLN B 127 0.66 35.60 11.54
N ASP B 128 -0.44 34.84 11.44
CA ASP B 128 -1.63 35.16 12.22
C ASP B 128 -1.35 35.07 13.71
N ILE B 129 -0.53 34.10 14.11
CA ILE B 129 -0.16 33.94 15.50
C ILE B 129 0.73 35.11 15.95
N ALA B 130 1.71 35.46 15.12
CA ALA B 130 2.68 36.49 15.49
C ALA B 130 2.02 37.86 15.61
N SER B 131 1.04 38.14 14.76
CA SER B 131 0.44 39.46 14.70
C SER B 131 -0.82 39.59 15.55
N ALA B 132 -1.29 38.51 16.18
CA ALA B 132 -2.51 38.57 16.97
C ALA B 132 -2.33 39.55 18.12
N ASN B 133 -3.15 40.60 18.15
CA ASN B 133 -3.10 41.61 19.18
C ASN B 133 -4.54 42.04 19.46
N TYR B 134 -5.32 41.13 20.04
CA TYR B 134 -6.73 41.36 20.34
C TYR B 134 -6.96 41.11 21.83
N PRO B 135 -6.61 42.07 22.69
CA PRO B 135 -6.77 41.85 24.12
C PRO B 135 -8.22 41.67 24.56
N GLN B 136 -9.18 42.02 23.71
CA GLN B 136 -10.61 41.89 24.03
C GLN B 136 -11.26 40.70 23.35
N ILE B 137 -10.47 39.80 22.75
CA ILE B 137 -10.92 38.47 22.37
C ILE B 137 -10.27 37.50 23.34
N ARG B 138 -11.08 36.74 24.08
CA ARG B 138 -10.58 35.96 25.20
C ARG B 138 -11.22 34.59 25.18
N GLN B 139 -10.42 33.56 25.47
CA GLN B 139 -10.90 32.19 25.48
C GLN B 139 -10.86 31.63 26.90
N PHE B 140 -11.95 31.00 27.31
CA PHE B 140 -12.00 30.19 28.51
C PHE B 140 -11.98 28.73 28.09
N TRP B 141 -10.86 28.06 28.34
CA TRP B 141 -10.66 26.69 27.88
C TRP B 141 -11.06 25.71 28.99
N VAL B 142 -11.88 24.71 28.64
CA VAL B 142 -12.42 23.77 29.61
C VAL B 142 -11.63 22.46 29.52
N PRO B 143 -10.91 22.06 30.56
CA PRO B 143 -10.23 20.75 30.54
C PRO B 143 -11.22 19.61 30.40
N THR B 144 -10.76 18.51 29.81
CA THR B 144 -11.63 17.36 29.59
C THR B 144 -12.08 16.79 30.93
N THR B 145 -13.39 16.67 31.10
CA THR B 145 -14.00 16.26 32.36
C THR B 145 -15.31 15.53 32.07
N THR B 146 -15.62 14.54 32.90
CA THR B 146 -16.80 13.73 32.73
C THR B 146 -17.52 13.58 34.07
N ASN B 147 -18.82 13.29 34.01
CA ASN B 147 -19.59 13.01 35.21
C ASN B 147 -20.72 12.07 34.83
N LEU B 148 -20.64 10.82 35.31
CA LEU B 148 -21.66 9.82 35.00
C LEU B 148 -22.90 9.97 35.86
N LYS B 149 -22.83 10.71 36.97
CA LYS B 149 -23.95 10.78 37.90
C LYS B 149 -25.00 11.80 37.49
N GLY B 150 -24.61 12.85 36.79
CA GLY B 150 -25.54 13.87 36.39
C GLY B 150 -24.83 15.20 36.23
N PRO B 151 -25.58 16.27 35.97
CA PRO B 151 -24.96 17.57 35.72
C PRO B 151 -24.09 18.02 36.89
N SER B 152 -22.88 18.45 36.57
CA SER B 152 -21.99 19.05 37.55
C SER B 152 -22.36 20.51 37.75
N GLU B 153 -22.03 21.04 38.92
CA GLU B 153 -22.39 22.42 39.22
C GLU B 153 -21.26 23.41 38.98
N ASP B 154 -20.07 22.96 38.63
CA ASP B 154 -18.94 23.85 38.39
C ASP B 154 -18.05 23.25 37.32
N LEU B 155 -17.49 24.11 36.47
CA LEU B 155 -16.46 23.70 35.55
C LEU B 155 -15.14 23.53 36.32
N PRO B 156 -14.15 22.87 35.73
CA PRO B 156 -12.83 22.84 36.35
C PRO B 156 -12.22 24.24 36.37
N LYS B 157 -11.20 24.41 37.21
CA LYS B 157 -10.49 25.69 37.24
C LYS B 157 -9.86 25.96 35.88
N SER B 158 -9.96 27.21 35.45
CA SER B 158 -9.29 27.66 34.24
C SER B 158 -9.15 29.17 34.35
N SER B 159 -8.98 29.84 33.21
CA SER B 159 -8.86 31.29 33.21
C SER B 159 -9.29 31.80 31.84
N TRP B 160 -9.53 33.10 31.78
CA TRP B 160 -9.81 33.78 30.52
C TRP B 160 -8.50 34.30 29.97
N LYS B 161 -8.08 33.79 28.81
CA LYS B 161 -6.83 34.22 28.25
C LYS B 161 -7.03 34.97 26.95
N PRO B 162 -6.28 36.05 26.73
CA PRO B 162 -6.52 36.92 25.57
C PRO B 162 -5.76 36.47 24.33
N ALA B 163 -6.29 36.90 23.18
CA ALA B 163 -5.67 36.65 21.88
C ALA B 163 -4.54 37.65 21.62
N THR B 164 -3.61 37.66 22.55
CA THR B 164 -2.34 38.35 22.44
C THR B 164 -1.22 37.32 22.55
N LYS B 165 0.03 37.79 22.46
CA LYS B 165 1.13 36.85 22.33
C LYS B 165 1.14 35.81 23.45
N GLU B 166 0.61 36.16 24.63
CA GLU B 166 0.73 35.22 25.73
C GLU B 166 -0.31 34.11 25.69
N GLY B 167 -1.45 34.31 25.01
CA GLY B 167 -2.49 33.31 25.01
C GLY B 167 -2.95 32.80 23.65
N ILE B 168 -2.43 33.39 22.58
CA ILE B 168 -2.96 33.11 21.24
C ILE B 168 -2.77 31.64 20.86
N ASN B 169 -1.63 31.04 21.21
CA ASN B 169 -1.34 29.69 20.75
C ASN B 169 -2.32 28.64 21.27
N ASP B 170 -2.97 28.90 22.40
CA ASP B 170 -3.89 27.93 22.98
C ASP B 170 -5.33 28.10 22.48
N PHE B 171 -5.59 29.10 21.64
CA PHE B 171 -6.92 29.24 21.07
C PHE B 171 -7.22 28.08 20.13
N SER B 172 -8.45 27.56 20.20
CA SER B 172 -8.95 26.73 19.11
C SER B 172 -8.80 27.53 17.82
N ALA B 173 -8.22 26.90 16.80
CA ALA B 173 -7.98 27.58 15.53
C ALA B 173 -9.29 27.99 14.85
N VAL B 174 -10.24 27.06 14.78
CA VAL B 174 -11.56 27.39 14.22
C VAL B 174 -12.20 28.55 14.97
N ALA B 175 -12.21 28.47 16.30
CA ALA B 175 -12.85 29.51 17.11
C ALA B 175 -12.14 30.85 16.97
N TYR B 176 -10.80 30.85 16.89
CA TYR B 176 -10.08 32.12 16.75
C TYR B 176 -10.43 32.81 15.43
N PHE B 177 -10.40 32.06 14.34
CA PHE B 177 -10.67 32.68 13.05
C PHE B 177 -12.10 33.19 12.94
N PHE B 178 -13.05 32.49 13.56
CA PHE B 178 -14.40 33.03 13.73
C PHE B 178 -14.37 34.33 14.53
N ALA B 179 -13.76 34.29 15.72
CA ALA B 179 -13.78 35.43 16.61
C ALA B 179 -13.09 36.65 16.01
N ARG B 180 -11.97 36.44 15.33
CA ARG B 180 -11.26 37.57 14.72
C ARG B 180 -12.11 38.23 13.64
N LYS B 181 -12.79 37.42 12.82
CA LYS B 181 -13.65 37.98 11.78
C LYS B 181 -14.80 38.78 12.39
N ILE B 182 -15.46 38.21 13.40
CA ILE B 182 -16.56 38.91 14.06
C ILE B 182 -16.07 40.19 14.72
N TYR B 183 -14.93 40.12 15.41
CA TYR B 183 -14.43 41.32 16.09
C TYR B 183 -14.12 42.43 15.10
N GLN B 184 -13.48 42.08 13.98
CA GLN B 184 -13.05 43.11 13.03
C GLN B 184 -14.23 43.89 12.45
N GLU B 185 -15.38 43.25 12.31
CA GLU B 185 -16.54 43.90 11.74
C GLU B 185 -17.51 44.46 12.80
N GLN B 186 -17.69 43.77 13.92
CA GLN B 186 -18.65 44.19 14.92
C GLN B 186 -18.05 45.00 16.05
N LYS B 187 -16.75 44.84 16.33
CA LYS B 187 -16.03 45.72 17.26
C LYS B 187 -16.61 45.70 18.68
N ILE B 188 -16.93 44.51 19.19
CA ILE B 188 -17.22 44.33 20.61
C ILE B 188 -16.37 43.18 21.13
N PRO B 189 -16.12 43.14 22.44
CA PRO B 189 -15.36 42.01 22.99
C PRO B 189 -16.03 40.69 22.64
N ILE B 190 -15.20 39.70 22.31
CA ILE B 190 -15.67 38.37 21.92
C ILE B 190 -15.09 37.36 22.89
N GLY B 191 -15.96 36.67 23.61
CA GLY B 191 -15.55 35.58 24.47
C GLY B 191 -15.74 34.23 23.78
N ILE B 192 -14.80 33.33 24.02
N ILE B 192 -14.81 33.31 24.04
CA ILE B 192 -14.87 31.95 23.54
CA ILE B 192 -14.89 31.95 23.51
C ILE B 192 -14.87 31.05 24.76
C ILE B 192 -14.84 31.00 24.69
N ILE B 193 -15.94 30.29 24.95
CA ILE B 193 -15.95 29.20 25.90
C ILE B 193 -15.64 27.96 25.08
N ASN B 194 -14.42 27.45 25.19
CA ASN B 194 -13.95 26.34 24.38
C ASN B 194 -14.16 25.08 25.20
N SER B 195 -15.19 24.31 24.85
CA SER B 195 -15.51 23.04 25.51
C SER B 195 -15.57 21.97 24.42
N SER B 196 -14.46 21.28 24.20
CA SER B 196 -14.32 20.31 23.13
C SER B 196 -13.39 19.19 23.57
N VAL B 197 -13.64 17.98 23.07
CA VAL B 197 -12.85 16.80 23.43
C VAL B 197 -12.70 15.92 22.20
N GLY B 198 -11.48 15.51 21.90
CA GLY B 198 -11.23 14.68 20.74
C GLY B 198 -11.84 13.29 20.88
N GLY B 199 -12.29 12.75 19.74
CA GLY B 199 -12.76 11.38 19.68
C GLY B 199 -14.08 11.11 20.36
N THR B 200 -14.96 12.09 20.44
CA THR B 200 -16.17 11.98 21.23
C THR B 200 -17.42 12.02 20.36
N THR B 201 -18.48 11.42 20.90
CA THR B 201 -19.74 11.22 20.21
C THR B 201 -20.75 12.28 20.62
N ILE B 202 -21.74 12.50 19.75
CA ILE B 202 -22.77 13.50 20.05
C ILE B 202 -23.57 13.09 21.28
N GLU B 203 -23.74 11.78 21.50
CA GLU B 203 -24.49 11.32 22.66
C GLU B 203 -23.81 11.71 23.96
N ALA B 204 -22.47 11.68 24.00
CA ALA B 204 -21.77 12.10 25.20
C ALA B 204 -21.97 13.58 25.49
N TRP B 205 -22.28 14.38 24.47
CA TRP B 205 -22.47 15.81 24.60
C TRP B 205 -23.93 16.20 24.79
N THR B 206 -24.85 15.25 24.82
CA THR B 206 -26.26 15.53 24.97
C THR B 206 -26.71 15.27 26.40
N GLY B 207 -27.51 16.20 26.94
CA GLY B 207 -28.10 15.98 28.24
C GLY B 207 -29.08 14.83 28.25
N GLU B 208 -29.34 14.32 29.46
CA GLU B 208 -30.17 13.12 29.61
C GLU B 208 -31.50 13.24 28.89
N ASP B 209 -32.13 14.41 28.96
CA ASP B 209 -33.46 14.57 28.38
C ASP B 209 -33.44 14.46 26.86
N GLY B 210 -32.32 14.78 26.23
CA GLY B 210 -32.24 14.67 24.78
C GLY B 210 -32.08 13.26 24.26
N LEU B 211 -31.78 12.31 25.13
CA LEU B 211 -31.53 10.93 24.76
C LEU B 211 -32.59 9.98 25.30
N LYS B 212 -33.58 10.49 26.04
CA LYS B 212 -34.51 9.64 26.78
C LYS B 212 -35.31 8.72 25.87
N ASP B 213 -35.50 9.10 24.61
CA ASP B 213 -36.29 8.29 23.68
C ASP B 213 -35.48 7.21 22.98
N LEU B 214 -34.17 7.17 23.17
CA LEU B 214 -33.33 6.11 22.64
C LEU B 214 -33.18 5.10 23.76
N GLU B 215 -33.97 4.02 23.69
CA GLU B 215 -34.13 3.14 24.85
C GLU B 215 -32.81 2.48 25.24
N GLU B 216 -31.99 2.11 24.25
CA GLU B 216 -30.74 1.46 24.61
C GLU B 216 -29.78 2.44 25.27
N VAL B 217 -29.80 3.70 24.82
CA VAL B 217 -28.98 4.74 25.43
C VAL B 217 -29.49 5.08 26.82
N ARG B 218 -30.81 5.24 26.95
CA ARG B 218 -31.41 5.56 28.25
C ARG B 218 -31.00 4.55 29.31
N LYS B 219 -31.00 3.26 28.95
CA LYS B 219 -30.62 2.24 29.91
C LYS B 219 -29.17 2.37 30.35
N ILE B 220 -28.29 2.78 29.43
CA ILE B 220 -26.89 3.02 29.78
C ILE B 220 -26.74 4.19 30.72
N ILE B 221 -27.46 5.29 30.43
CA ILE B 221 -27.43 6.46 31.31
C ILE B 221 -27.78 6.06 32.74
N GLU B 222 -28.83 5.27 32.91
CA GLU B 222 -29.25 4.86 34.26
C GLU B 222 -28.24 3.92 34.89
N ARG B 223 -27.69 2.98 34.11
CA ARG B 223 -26.67 2.10 34.67
C ARG B 223 -25.46 2.88 35.16
N ASN B 224 -25.05 3.89 34.40
CA ASN B 224 -23.84 4.62 34.73
C ASN B 224 -24.00 5.48 35.98
N LYS B 225 -25.23 5.85 36.33
CA LYS B 225 -25.43 6.56 37.59
C LYS B 225 -25.22 5.66 38.78
N ASP B 226 -25.23 4.35 38.57
CA ASP B 226 -25.13 3.37 39.64
C ASP B 226 -23.66 2.99 39.76
N SER B 227 -22.98 3.59 40.74
CA SER B 227 -21.53 3.43 40.85
C SER B 227 -21.15 1.97 41.09
N ALA B 228 -21.94 1.25 41.88
CA ALA B 228 -21.67 -0.16 42.13
C ALA B 228 -21.77 -0.96 40.84
N ALA B 229 -22.76 -0.64 39.99
CA ALA B 229 -22.92 -1.38 38.73
C ALA B 229 -21.76 -1.11 37.78
N VAL B 230 -21.24 0.12 37.79
CA VAL B 230 -20.08 0.44 36.96
C VAL B 230 -18.84 -0.27 37.48
N ASN B 231 -18.67 -0.29 38.81
CA ASN B 231 -17.50 -0.92 39.41
C ASN B 231 -17.49 -2.41 39.14
N LYS B 232 -18.66 -3.04 39.18
CA LYS B 232 -18.75 -4.46 38.89
C LYS B 232 -18.29 -4.78 37.47
N ILE B 233 -18.66 -3.92 36.51
CA ILE B 233 -18.17 -4.07 35.14
C ILE B 233 -16.67 -3.81 35.05
N ASN B 234 -16.20 -2.77 35.73
CA ASN B 234 -14.77 -2.44 35.68
C ASN B 234 -13.93 -3.52 36.33
N LYS B 235 -14.37 -4.02 37.49
CA LYS B 235 -13.63 -5.06 38.19
C LYS B 235 -13.71 -6.40 37.45
N LEU B 236 -14.76 -6.59 36.64
CA LEU B 236 -14.77 -7.68 35.69
C LEU B 236 -13.70 -7.50 34.62
N ALA B 237 -13.52 -6.27 34.15
CA ALA B 237 -12.48 -6.01 33.16
C ALA B 237 -11.09 -6.14 33.76
N ASP B 238 -10.91 -5.66 34.99
CA ASP B 238 -9.63 -5.78 35.69
C ASP B 238 -9.20 -7.24 35.86
N ALA B 239 -10.08 -8.20 35.60
CA ALA B 239 -9.74 -9.61 35.65
C ALA B 239 -9.83 -10.32 34.31
N SER B 240 -10.87 -10.04 33.52
CA SER B 240 -11.22 -10.90 32.40
C SER B 240 -10.45 -10.61 31.12
N GLN B 241 -9.81 -9.45 30.99
CA GLN B 241 -9.18 -9.08 29.73
C GLN B 241 -7.87 -9.85 29.47
N ALA B 245 0.96 -8.33 27.09
CA ALA B 245 2.09 -9.04 26.49
C ALA B 245 3.40 -8.33 26.78
N THR B 246 4.49 -9.09 26.82
CA THR B 246 5.81 -8.58 27.18
C THR B 246 6.54 -8.07 25.93
N SER B 247 7.15 -6.90 26.04
CA SER B 247 7.92 -6.38 24.92
C SER B 247 9.14 -7.24 24.66
N ALA B 248 9.38 -7.54 23.38
CA ALA B 248 10.53 -8.29 22.92
C ALA B 248 11.27 -7.51 21.86
N ASP B 249 11.32 -6.18 22.00
CA ASP B 249 11.94 -5.32 21.00
C ASP B 249 13.45 -5.52 21.04
N LYS B 250 13.99 -6.17 20.01
CA LYS B 250 15.43 -6.40 19.93
C LYS B 250 16.23 -5.10 19.95
N GLY B 251 15.66 -4.02 19.43
CA GLY B 251 16.37 -2.75 19.36
C GLY B 251 16.61 -2.11 20.71
N MET B 252 15.77 -2.40 21.70
CA MET B 252 15.97 -1.98 23.08
C MET B 252 16.65 -3.04 23.94
N LEU B 253 16.51 -4.32 23.58
CA LEU B 253 16.91 -5.41 24.47
C LEU B 253 18.29 -5.98 24.17
N GLU B 254 18.77 -5.89 22.94
CA GLU B 254 20.13 -6.32 22.65
C GLU B 254 21.12 -5.46 23.42
N ALA B 255 22.31 -6.00 23.64
CA ALA B 255 23.30 -5.30 24.47
C ALA B 255 23.66 -3.94 23.90
N ILE B 256 23.68 -3.82 22.58
CA ILE B 256 23.94 -2.57 21.89
C ILE B 256 22.61 -2.17 21.24
N LYS B 257 21.96 -1.15 21.80
CA LYS B 257 20.67 -0.71 21.28
C LYS B 257 20.83 -0.09 19.91
N TRP B 258 19.77 -0.15 19.11
CA TRP B 258 19.88 0.15 17.69
C TRP B 258 20.08 1.62 17.39
N PHE B 259 19.90 2.49 18.38
CA PHE B 259 20.22 3.91 18.22
C PHE B 259 21.59 4.27 18.78
N ASP B 260 22.28 3.35 19.45
CA ASP B 260 23.63 3.59 19.92
C ASP B 260 24.50 3.95 18.72
N LEU B 261 25.36 4.96 18.88
CA LEU B 261 26.23 5.33 17.77
C LEU B 261 27.16 4.18 17.36
N GLN B 262 27.52 3.32 18.31
CA GLN B 262 28.42 2.21 18.03
C GLN B 262 27.70 0.98 17.46
N TYR B 263 26.39 1.04 17.28
CA TYR B 263 25.67 -0.10 16.72
C TYR B 263 26.07 -0.30 15.27
N GLN B 264 26.36 -1.54 14.90
CA GLN B 264 26.71 -1.90 13.54
C GLN B 264 25.51 -2.59 12.91
N PRO B 265 24.81 -1.97 11.97
CA PRO B 265 23.66 -2.64 11.35
C PRO B 265 24.04 -3.97 10.71
N LYS B 266 23.32 -5.01 11.10
CA LYS B 266 23.44 -6.30 10.45
C LYS B 266 22.02 -6.81 10.28
N GLY B 267 21.67 -7.24 9.07
CA GLY B 267 20.34 -7.74 8.80
C GLY B 267 19.30 -6.69 8.43
N TRP B 268 19.72 -5.49 8.05
CA TRP B 268 18.81 -4.41 7.68
C TRP B 268 18.54 -4.45 6.18
N ARG B 269 17.35 -3.99 5.80
CA ARG B 269 16.89 -4.05 4.42
C ARG B 269 16.42 -2.66 3.99
N LYS B 270 16.18 -2.50 2.69
CA LYS B 270 15.85 -1.19 2.15
C LYS B 270 14.37 -0.87 2.30
N PHE B 271 14.07 0.38 2.64
CA PHE B 271 12.72 0.91 2.77
C PHE B 271 12.68 2.27 2.10
N TYR B 272 11.49 2.70 1.69
N TYR B 272 11.51 2.65 1.59
CA TYR B 272 11.33 3.97 1.01
CA TYR B 272 11.29 3.97 1.00
C TYR B 272 10.24 4.80 1.68
C TYR B 272 10.27 4.74 1.83
N VAL B 273 10.63 5.95 2.21
CA VAL B 273 9.74 6.88 2.90
C VAL B 273 9.26 7.92 1.90
N PRO B 274 7.95 8.18 1.81
CA PRO B 274 6.83 7.65 2.61
C PRO B 274 6.31 6.30 2.16
N GLY B 275 5.63 5.61 3.05
CA GLY B 275 5.03 4.33 2.74
C GLY B 275 4.78 3.52 3.99
N TYR B 276 3.91 2.54 3.83
CA TYR B 276 3.56 1.59 4.87
C TYR B 276 4.28 0.28 4.62
N TRP B 277 4.76 -0.36 5.68
CA TRP B 277 5.58 -1.55 5.48
C TRP B 277 4.77 -2.71 4.92
N GLU B 278 3.45 -2.72 5.16
CA GLU B 278 2.58 -3.72 4.55
C GLU B 278 2.72 -3.71 3.03
N ASP B 279 3.10 -2.56 2.46
CA ASP B 279 3.23 -2.38 1.03
C ASP B 279 4.67 -2.48 0.55
N GLN B 280 5.60 -2.82 1.43
CA GLN B 280 7.01 -2.92 1.10
C GLN B 280 7.60 -4.20 1.66
N GLY B 281 6.80 -5.27 1.65
CA GLY B 281 7.29 -6.61 1.89
C GLY B 281 7.05 -7.20 3.26
N MET B 282 6.41 -6.48 4.20
CA MET B 282 6.15 -7.01 5.54
C MET B 282 4.64 -7.21 5.73
N ARG B 283 4.20 -8.46 5.62
CA ARG B 283 2.79 -8.80 5.64
C ARG B 283 2.28 -9.05 7.06
N ASP B 284 1.11 -8.49 7.35
CA ASP B 284 0.38 -8.72 8.60
C ASP B 284 1.25 -8.47 9.82
N LEU B 285 1.97 -7.37 9.81
CA LEU B 285 2.96 -7.06 10.83
C LEU B 285 2.46 -5.91 11.69
N ASP B 286 2.19 -6.20 12.96
CA ASP B 286 2.07 -5.20 14.00
C ASP B 286 3.24 -5.41 14.94
N GLY B 287 3.81 -4.32 15.43
CA GLY B 287 4.94 -4.44 16.33
C GLY B 287 5.82 -3.22 16.31
N VAL B 288 7.13 -3.43 16.35
CA VAL B 288 8.11 -2.35 16.37
C VAL B 288 9.07 -2.56 15.21
N VAL B 289 9.18 -1.56 14.34
CA VAL B 289 10.12 -1.57 13.23
C VAL B 289 11.01 -0.34 13.34
N TRP B 290 12.31 -0.55 13.21
CA TRP B 290 13.30 0.52 13.29
C TRP B 290 13.77 0.90 11.90
N PHE B 291 14.07 2.19 11.72
CA PHE B 291 14.49 2.75 10.45
C PHE B 291 15.73 3.59 10.68
N ARG B 292 16.68 3.51 9.74
CA ARG B 292 17.97 4.15 9.90
C ARG B 292 18.37 4.79 8.58
N LYS B 293 18.87 6.02 8.65
CA LYS B 293 19.34 6.74 7.49
C LYS B 293 20.55 7.56 7.90
N GLU B 294 21.61 7.52 7.09
CA GLU B 294 22.77 8.36 7.31
C GLU B 294 22.78 9.46 6.26
N ILE B 295 22.93 10.70 6.72
CA ILE B 295 22.83 11.86 5.85
C ILE B 295 24.06 12.74 6.06
N GLU B 296 24.46 13.43 5.00
CA GLU B 296 25.60 14.34 5.06
C GLU B 296 25.07 15.74 5.33
N ILE B 297 25.61 16.37 6.37
CA ILE B 297 25.19 17.70 6.80
C ILE B 297 26.28 18.70 6.42
N PRO B 298 25.97 19.73 5.63
CA PRO B 298 26.96 20.77 5.36
C PRO B 298 27.18 21.63 6.59
N ALA B 299 28.37 22.23 6.66
CA ALA B 299 28.74 22.99 7.84
C ALA B 299 27.78 24.14 8.12
N ALA B 300 27.16 24.70 7.09
CA ALA B 300 26.23 25.80 7.29
C ALA B 300 25.00 25.40 8.10
N MET B 301 24.76 24.10 8.23
CA MET B 301 23.58 23.58 8.91
C MET B 301 23.92 23.13 10.32
N VAL B 302 25.16 23.34 10.76
CA VAL B 302 25.67 22.93 12.06
C VAL B 302 25.81 24.16 12.94
N ALA B 303 25.67 23.95 14.25
CA ALA B 303 25.80 24.99 15.28
C ALA B 303 24.63 25.98 15.27
N VAL B 304 23.52 25.58 14.65
CA VAL B 304 22.28 26.36 14.62
C VAL B 304 21.12 25.42 14.91
N PRO B 305 19.97 25.97 15.31
CA PRO B 305 18.81 25.11 15.52
C PRO B 305 18.34 24.47 14.23
N ALA B 306 17.71 23.31 14.36
CA ALA B 306 17.18 22.56 13.23
C ALA B 306 15.75 22.12 13.49
N PHE B 307 15.02 21.86 12.41
CA PHE B 307 13.59 21.58 12.48
C PHE B 307 13.31 20.36 11.61
N ILE B 308 12.81 19.30 12.23
CA ILE B 308 12.50 18.06 11.53
C ILE B 308 10.99 17.96 11.36
N GLN B 309 10.56 17.81 10.11
CA GLN B 309 9.20 17.41 9.80
C GLN B 309 9.27 15.97 9.35
N MET B 310 8.64 15.08 10.11
CA MET B 310 8.60 13.68 9.74
C MET B 310 7.16 13.27 9.49
N GLY B 311 6.44 14.10 8.74
CA GLY B 311 5.11 13.76 8.26
C GLY B 311 4.17 13.31 9.37
N ARG B 312 3.53 12.18 9.14
CA ARG B 312 2.68 11.55 10.15
C ARG B 312 3.03 10.07 10.14
N ILE B 313 3.06 9.47 11.33
CA ILE B 313 3.56 8.12 11.50
C ILE B 313 2.53 7.29 12.26
N VAL B 314 2.28 6.07 11.79
CA VAL B 314 1.35 5.14 12.40
C VAL B 314 2.16 4.02 13.06
N ASP B 315 2.08 3.90 14.38
CA ASP B 315 1.29 4.67 15.35
C ASP B 315 2.13 5.66 16.14
N ALA B 316 3.28 5.21 16.65
CA ALA B 316 4.07 6.01 17.57
C ALA B 316 5.52 5.95 17.13
N ASP B 317 6.28 6.98 17.50
CA ASP B 317 7.68 7.01 17.09
C ASP B 317 8.56 7.62 18.16
N ARG B 318 9.82 7.17 18.16
N ARG B 318 9.81 7.17 18.17
CA ARG B 318 10.91 7.86 18.85
CA ARG B 318 10.91 7.85 18.84
C ARG B 318 11.98 8.12 17.80
C ARG B 318 11.94 8.14 17.76
N PHE B 319 12.43 9.38 17.72
CA PHE B 319 13.33 9.82 16.67
C PHE B 319 14.65 10.20 17.32
N TYR B 320 15.73 9.55 16.87
CA TYR B 320 17.06 9.77 17.39
C TYR B 320 17.95 10.35 16.30
N ILE B 321 18.84 11.26 16.68
CA ILE B 321 19.90 11.74 15.80
C ILE B 321 21.21 11.56 16.54
N ASN B 322 22.14 10.83 15.93
CA ASN B 322 23.43 10.53 16.53
C ASN B 322 23.28 9.97 17.95
N GLY B 323 22.27 9.13 18.13
CA GLY B 323 22.03 8.48 19.40
C GLY B 323 21.23 9.27 20.41
N THR B 324 20.96 10.55 20.15
CA THR B 324 20.23 11.42 21.08
C THR B 324 18.78 11.48 20.67
N LEU B 325 17.88 11.16 21.60
CA LEU B 325 16.44 11.26 21.34
C LEU B 325 16.10 12.73 21.14
N ILE B 326 15.56 13.06 19.97
CA ILE B 326 15.18 14.44 19.66
C ILE B 326 13.69 14.66 19.61
N GLY B 327 12.89 13.60 19.57
CA GLY B 327 11.45 13.76 19.54
C GLY B 327 10.74 12.44 19.64
N SER B 328 9.49 12.51 20.10
CA SER B 328 8.64 11.34 20.16
C SER B 328 7.18 11.76 20.10
N THR B 329 6.36 10.87 19.55
CA THR B 329 4.93 11.05 19.45
C THR B 329 4.29 9.69 19.73
N GLY B 330 3.26 9.69 20.57
CA GLY B 330 2.73 8.43 21.05
C GLY B 330 1.56 7.85 20.31
N TYR B 331 1.04 8.53 19.30
CA TYR B 331 -0.12 8.02 18.57
C TYR B 331 -0.15 8.65 17.17
N GLN B 332 -1.06 8.15 16.35
CA GLN B 332 -0.93 8.31 14.91
C GLN B 332 -1.35 9.69 14.40
N TYR B 333 -2.05 10.48 15.22
CA TYR B 333 -2.70 11.68 14.71
C TYR B 333 -1.85 12.93 14.58
N PRO B 334 -0.95 13.24 15.52
CA PRO B 334 -0.20 14.49 15.41
C PRO B 334 0.77 14.48 14.24
N GLN B 335 0.89 15.63 13.58
CA GLN B 335 1.97 15.83 12.64
C GLN B 335 3.29 15.89 13.40
N ARG B 336 4.33 15.27 12.84
CA ARG B 336 5.63 15.21 13.49
C ARG B 336 6.43 16.46 13.15
N ARG B 337 6.68 17.29 14.16
CA ARG B 337 7.40 18.55 14.01
C ARG B 337 8.32 18.68 15.22
N TYR B 338 9.58 18.32 15.04
CA TYR B 338 10.55 18.23 16.13
C TYR B 338 11.59 19.33 15.97
N THR B 339 11.79 20.12 17.01
CA THR B 339 12.81 21.16 17.02
C THR B 339 14.05 20.61 17.71
N VAL B 340 15.17 20.65 17.00
CA VAL B 340 16.44 20.05 17.43
C VAL B 340 17.41 21.17 17.79
N PRO B 341 17.96 21.17 18.99
CA PRO B 341 18.87 22.26 19.37
C PRO B 341 20.17 22.21 18.59
N ALA B 342 20.83 23.36 18.51
CA ALA B 342 22.18 23.38 17.99
C ALA B 342 23.05 22.46 18.82
N GLY B 343 24.00 21.77 18.17
CA GLY B 343 24.92 20.89 18.84
C GLY B 343 24.67 19.41 18.64
N ILE B 344 23.45 19.03 18.23
CA ILE B 344 23.17 17.62 17.96
C ILE B 344 23.72 17.22 16.60
N LEU B 345 23.43 18.01 15.57
CA LEU B 345 23.98 17.73 14.26
C LEU B 345 25.46 18.11 14.23
N LYS B 346 26.24 17.32 13.51
CA LYS B 346 27.67 17.50 13.34
C LYS B 346 27.98 17.64 11.86
N PRO B 347 29.14 18.19 11.50
CA PRO B 347 29.51 18.23 10.09
C PRO B 347 29.73 16.83 9.55
N GLY B 348 29.26 16.60 8.33
CA GLY B 348 29.44 15.30 7.72
C GLY B 348 28.36 14.30 8.04
N LYS B 349 28.77 13.07 8.35
CA LYS B 349 27.83 11.96 8.48
C LYS B 349 27.05 12.05 9.79
N ASN B 350 25.72 12.03 9.69
CA ASN B 350 24.84 11.99 10.85
C ASN B 350 23.90 10.81 10.72
N ILE B 351 23.58 10.19 11.85
CA ILE B 351 22.78 8.96 11.88
C ILE B 351 21.38 9.28 12.39
N LEU B 352 20.37 9.10 11.55
CA LEU B 352 18.98 9.23 11.95
C LEU B 352 18.40 7.83 12.20
N VAL B 353 17.76 7.65 13.34
CA VAL B 353 17.14 6.37 13.71
C VAL B 353 15.74 6.65 14.22
N ILE B 354 14.75 6.00 13.62
CA ILE B 354 13.35 6.15 14.03
C ILE B 354 12.84 4.78 14.45
N ARG B 355 12.35 4.69 15.67
CA ARG B 355 11.71 3.49 16.17
C ARG B 355 10.21 3.70 16.07
N VAL B 356 9.55 2.91 15.23
CA VAL B 356 8.12 3.03 14.97
C VAL B 356 7.42 1.85 15.61
N GLU B 357 6.43 2.15 16.45
CA GLU B 357 5.58 1.14 17.05
C GLU B 357 4.20 1.22 16.41
N ASN B 358 3.59 0.08 16.17
CA ASN B 358 2.34 0.00 15.42
C ASN B 358 1.51 -1.11 16.04
N SER B 359 0.38 -0.74 16.65
CA SER B 359 -0.45 -1.70 17.35
C SER B 359 -1.63 -2.18 16.54
N ASN B 360 -2.01 -1.46 15.48
CA ASN B 360 -3.17 -1.84 14.70
C ASN B 360 -3.11 -1.17 13.33
N GLY B 361 -3.57 -1.87 12.30
CA GLY B 361 -3.61 -1.29 10.98
C GLY B 361 -2.21 -1.15 10.39
N LYS B 362 -2.14 -0.34 9.33
CA LYS B 362 -0.91 -0.24 8.54
C LYS B 362 0.06 0.72 9.20
N GLY B 363 1.17 0.19 9.71
CA GLY B 363 2.20 1.03 10.27
C GLY B 363 3.12 1.59 9.20
N GLY B 364 3.72 2.75 9.51
CA GLY B 364 4.65 3.37 8.60
C GLY B 364 4.50 4.87 8.51
N PHE B 365 4.87 5.42 7.35
CA PHE B 365 4.99 6.85 7.13
C PHE B 365 3.94 7.29 6.12
N VAL B 366 3.05 8.19 6.54
CA VAL B 366 1.90 8.56 5.71
C VAL B 366 2.38 9.32 4.47
N PRO B 367 1.96 8.95 3.27
CA PRO B 367 2.38 9.68 2.07
C PRO B 367 1.66 11.01 1.96
N ASP B 368 2.18 11.87 1.08
CA ASP B 368 1.62 13.20 0.85
C ASP B 368 1.70 14.06 2.11
N LYS B 369 2.88 14.02 2.74
CA LYS B 369 3.22 14.74 3.96
C LYS B 369 4.65 15.24 3.82
N PRO B 370 5.04 16.25 4.60
CA PRO B 370 6.42 16.75 4.52
C PRO B 370 7.39 15.92 5.34
N TYR B 371 8.52 15.56 4.71
CA TYR B 371 9.60 14.79 5.35
C TYR B 371 10.89 15.52 5.03
N SER B 372 11.44 16.26 6.00
CA SER B 372 12.57 17.14 5.72
C SER B 372 13.26 17.55 7.00
N LEU B 373 14.53 17.95 6.86
CA LEU B 373 15.31 18.55 7.94
C LEU B 373 15.74 19.93 7.47
N GLN B 374 15.40 20.95 8.25
CA GLN B 374 15.67 22.34 7.90
C GLN B 374 16.59 22.96 8.93
N ALA B 375 17.48 23.83 8.45
CA ALA B 375 18.39 24.56 9.33
C ALA B 375 19.07 25.67 8.53
N ASN B 376 19.11 26.88 9.08
CA ASN B 376 19.81 28.00 8.45
C ASN B 376 19.38 28.19 7.00
N GLN B 377 18.07 28.23 6.79
CA GLN B 377 17.43 28.49 5.49
C GLN B 377 17.72 27.42 4.45
N GLN B 378 18.25 26.26 4.85
CA GLN B 378 18.51 25.15 3.94
C GLN B 378 17.64 23.96 4.36
N SER B 379 17.47 23.02 3.45
CA SER B 379 16.61 21.87 3.71
C SER B 379 17.21 20.60 3.10
N ILE B 380 17.08 19.49 3.83
CA ILE B 380 17.51 18.17 3.38
C ILE B 380 16.29 17.26 3.35
N ASP B 381 16.11 16.56 2.23
CA ASP B 381 15.00 15.63 2.06
C ASP B 381 15.16 14.42 2.97
N LEU B 382 14.09 14.07 3.69
CA LEU B 382 14.06 12.82 4.44
C LEU B 382 13.21 11.75 3.77
N LYS B 383 12.63 12.03 2.61
CA LYS B 383 12.05 10.98 1.81
C LYS B 383 13.17 10.16 1.18
N GLY B 384 12.81 9.03 0.61
CA GLY B 384 13.80 8.23 -0.07
C GLY B 384 14.23 7.01 0.71
N GLU B 385 15.44 6.53 0.45
CA GLU B 385 15.83 5.21 0.92
C GLU B 385 16.29 5.28 2.37
N TRP B 386 15.65 4.48 3.21
CA TRP B 386 16.06 4.22 4.58
C TRP B 386 16.40 2.75 4.68
N GLN B 387 17.01 2.36 5.79
CA GLN B 387 17.24 0.95 6.09
C GLN B 387 16.31 0.59 7.24
N TYR B 388 15.84 -0.67 7.25
CA TYR B 388 14.89 -1.09 8.27
C TYR B 388 15.25 -2.45 8.84
N LYS B 389 14.84 -2.67 10.09
CA LYS B 389 14.91 -3.99 10.72
C LYS B 389 13.79 -4.09 11.74
N VAL B 390 13.10 -5.22 11.74
CA VAL B 390 12.00 -5.43 12.66
C VAL B 390 12.56 -5.70 14.06
N GLY B 391 12.09 -4.91 15.04
CA GLY B 391 12.46 -5.10 16.42
C GLY B 391 11.60 -6.15 17.11
N GLU B 392 10.29 -6.13 16.85
CA GLU B 392 9.42 -7.19 17.35
C GLU B 392 8.15 -7.24 16.53
N ALA B 393 7.56 -8.42 16.47
CA ALA B 393 6.31 -8.69 15.77
C ALA B 393 5.32 -9.22 16.78
N TYR B 394 4.24 -8.47 17.01
CA TYR B 394 3.25 -8.84 17.99
C TYR B 394 2.53 -10.11 17.53
N ARG B 395 2.41 -11.07 18.45
CA ARG B 395 1.62 -12.26 18.16
C ARG B 395 0.13 -11.92 18.20
N PRO B 396 -0.69 -12.62 17.43
CA PRO B 396 -2.12 -12.30 17.41
C PRO B 396 -2.73 -12.60 18.78
N ALA B 397 -3.69 -11.77 19.17
CA ALA B 397 -4.36 -11.95 20.44
C ALA B 397 -5.69 -11.22 20.39
N PHE B 398 -6.60 -11.64 21.27
CA PHE B 398 -7.93 -11.06 21.32
C PHE B 398 -7.85 -9.61 21.81
N ARG B 399 -8.49 -8.71 21.06
CA ARG B 399 -8.44 -7.27 21.34
C ARG B 399 -9.76 -6.72 21.88
N GLY B 400 -10.74 -7.58 22.17
CA GLY B 400 -12.05 -7.10 22.51
C GLY B 400 -12.34 -6.90 23.98
N GLY B 401 -11.36 -7.09 24.86
CA GLY B 401 -11.58 -6.88 26.26
C GLY B 401 -12.12 -8.11 26.99
N PRO B 402 -13.06 -7.90 27.92
CA PRO B 402 -13.86 -6.69 28.19
C PRO B 402 -13.04 -5.52 28.76
N PHE B 403 -13.59 -4.32 28.67
CA PHE B 403 -12.89 -3.12 29.09
C PHE B 403 -13.66 -2.42 30.19
N ARG B 404 -12.93 -1.62 30.97
CA ARG B 404 -13.59 -0.73 31.90
C ARG B 404 -14.46 0.27 31.13
N ILE B 405 -15.47 0.80 31.82
CA ILE B 405 -16.30 1.85 31.24
C ILE B 405 -15.44 3.10 31.09
N GLN B 406 -15.34 3.61 29.87
CA GLN B 406 -14.61 4.84 29.61
C GLN B 406 -15.60 6.01 29.65
N GLU B 407 -15.38 6.94 30.58
CA GLU B 407 -16.41 7.93 30.87
C GLU B 407 -16.66 8.84 29.68
N GLN B 408 -15.60 9.17 28.93
CA GLN B 408 -15.73 10.04 27.77
C GLN B 408 -16.60 9.43 26.67
N ALA B 409 -16.79 8.12 26.68
CA ALA B 409 -17.59 7.45 25.66
C ALA B 409 -19.05 7.29 26.07
N GLN B 410 -19.41 7.68 27.28
CA GLN B 410 -20.73 7.43 27.83
C GLN B 410 -21.68 8.58 27.51
N PRO B 411 -22.94 8.25 27.22
CA PRO B 411 -23.94 9.29 26.94
C PRO B 411 -24.09 10.22 28.13
N THR B 412 -24.21 11.52 27.83
CA THR B 412 -24.37 12.63 28.77
C THR B 412 -23.11 13.02 29.54
N ALA B 413 -22.08 12.17 29.53
CA ALA B 413 -20.97 12.34 30.49
C ALA B 413 -20.20 13.63 30.25
N LEU B 414 -20.00 14.01 28.99
CA LEU B 414 -19.30 15.25 28.72
C LEU B 414 -20.20 16.46 28.89
N TYR B 415 -21.45 16.38 28.42
CA TYR B 415 -22.42 17.43 28.72
C TYR B 415 -22.46 17.74 30.20
N ASN B 416 -22.51 16.70 31.04
CA ASN B 416 -22.71 16.87 32.47
C ASN B 416 -21.61 17.73 33.10
N ALA B 417 -20.36 17.51 32.70
CA ALA B 417 -19.23 18.14 33.36
C ALA B 417 -18.67 19.35 32.61
N MET B 418 -18.92 19.46 31.31
CA MET B 418 -18.35 20.54 30.53
C MET B 418 -19.34 21.47 29.86
N ILE B 419 -20.64 21.20 29.91
CA ILE B 419 -21.66 22.11 29.39
C ILE B 419 -22.63 22.53 30.48
N ALA B 420 -23.25 21.56 31.16
CA ALA B 420 -24.22 21.82 32.20
C ALA B 420 -23.81 22.91 33.19
N PRO B 421 -22.56 23.00 33.65
CA PRO B 421 -22.22 24.02 34.64
C PRO B 421 -22.36 25.47 34.17
N VAL B 422 -22.49 25.75 32.88
CA VAL B 422 -22.57 27.13 32.41
C VAL B 422 -23.95 27.52 31.90
N VAL B 423 -24.99 26.73 32.18
CA VAL B 423 -26.31 27.04 31.63
C VAL B 423 -26.83 28.39 32.10
N GLN B 424 -26.40 28.86 33.27
CA GLN B 424 -26.81 30.18 33.76
C GLN B 424 -25.97 31.32 33.19
N TYR B 425 -24.82 31.01 32.58
CA TYR B 425 -23.98 32.04 31.97
C TYR B 425 -24.62 32.52 30.68
N GLY B 426 -24.70 33.84 30.50
CA GLY B 426 -25.25 34.38 29.28
C GLY B 426 -24.31 34.12 28.12
N ILE B 427 -24.87 33.67 26.99
CA ILE B 427 -24.09 33.40 25.79
C ILE B 427 -24.84 33.96 24.59
N LYS B 428 -24.09 34.20 23.51
CA LYS B 428 -24.62 34.71 22.25
C LYS B 428 -25.08 33.60 21.31
N GLY B 429 -24.34 32.49 21.26
CA GLY B 429 -24.64 31.43 20.33
C GLY B 429 -23.65 30.29 20.50
N VAL B 430 -23.86 29.24 19.71
CA VAL B 430 -23.08 28.00 19.79
C VAL B 430 -22.48 27.71 18.43
N LEU B 431 -21.20 27.34 18.42
CA LEU B 431 -20.55 26.75 17.26
C LEU B 431 -20.23 25.29 17.58
N TRP B 432 -20.58 24.40 16.68
CA TRP B 432 -20.46 22.96 16.88
C TRP B 432 -19.74 22.37 15.68
N TYR B 433 -18.71 21.57 15.94
CA TYR B 433 -17.96 20.87 14.87
C TYR B 433 -17.69 19.47 15.39
N GLN B 434 -18.52 18.52 14.98
CA GLN B 434 -18.47 17.15 15.47
C GLN B 434 -19.14 16.24 14.45
N GLY B 435 -18.80 14.96 14.52
CA GLY B 435 -19.50 13.97 13.74
C GLY B 435 -18.60 12.83 13.29
N GLU B 436 -17.31 13.11 13.23
CA GLU B 436 -16.34 12.11 12.78
C GLU B 436 -16.48 10.81 13.57
N SER B 437 -16.79 10.92 14.86
CA SER B 437 -16.94 9.74 15.71
C SER B 437 -18.35 9.15 15.67
N ASN B 438 -19.25 9.71 14.87
CA ASN B 438 -20.59 9.15 14.68
C ASN B 438 -20.85 8.67 13.25
N VAL B 439 -19.81 8.50 12.43
CA VAL B 439 -20.07 7.95 11.10
C VAL B 439 -20.62 6.54 11.18
N GLY B 440 -20.36 5.82 12.28
CA GLY B 440 -20.86 4.47 12.47
C GLY B 440 -22.36 4.38 12.71
N ASN B 441 -22.98 5.43 13.23
CA ASN B 441 -24.43 5.46 13.31
C ASN B 441 -24.94 6.71 12.59
N ALA B 442 -24.46 6.90 11.36
CA ALA B 442 -24.73 8.13 10.63
C ALA B 442 -26.21 8.32 10.34
N LEU B 443 -26.96 7.23 10.17
CA LEU B 443 -28.39 7.35 9.97
C LEU B 443 -29.08 7.93 11.20
N THR B 444 -28.68 7.49 12.39
CA THR B 444 -29.22 8.00 13.63
C THR B 444 -28.92 9.48 13.83
N TYR B 445 -27.86 9.99 13.20
CA TYR B 445 -27.45 11.38 13.42
C TYR B 445 -28.51 12.37 12.96
N LYS B 446 -29.34 11.99 11.99
CA LYS B 446 -30.47 12.81 11.58
C LYS B 446 -31.36 13.18 12.76
N LYS B 447 -31.44 12.31 13.75
CA LYS B 447 -32.20 12.55 14.96
C LYS B 447 -31.34 13.11 16.08
N LEU B 448 -30.08 12.66 16.18
CA LEU B 448 -29.22 13.07 17.28
C LEU B 448 -28.88 14.56 17.21
N LEU B 449 -28.66 15.10 16.01
CA LEU B 449 -28.28 16.52 15.92
C LEU B 449 -29.40 17.45 16.32
N PRO B 450 -30.63 17.34 15.79
CA PRO B 450 -31.72 18.17 16.33
C PRO B 450 -31.96 17.96 17.82
N ALA B 451 -31.78 16.73 18.32
CA ALA B 451 -32.00 16.46 19.74
C ALA B 451 -30.97 17.16 20.62
N LEU B 452 -29.72 17.25 20.16
N LEU B 452 -29.72 17.25 20.15
CA LEU B 452 -28.73 18.01 20.93
CA LEU B 452 -28.70 17.99 20.87
C LEU B 452 -29.05 19.50 20.92
C LEU B 452 -29.05 19.48 20.91
N ILE B 453 -29.40 20.04 19.76
CA ILE B 453 -29.73 21.46 19.67
C ILE B 453 -30.89 21.81 20.60
N GLN B 454 -31.96 21.01 20.54
CA GLN B 454 -33.13 21.27 21.39
C GLN B 454 -32.81 21.05 22.86
N ASN B 455 -31.95 20.08 23.16
CA ASN B 455 -31.58 19.83 24.55
C ASN B 455 -30.83 21.01 25.14
N TRP B 456 -29.79 21.48 24.44
CA TRP B 456 -29.03 22.61 24.94
C TRP B 456 -29.89 23.86 25.04
N ARG B 457 -30.77 24.08 24.07
CA ARG B 457 -31.68 25.22 24.14
C ARG B 457 -32.55 25.14 25.39
N ALA B 458 -33.06 23.95 25.70
CA ALA B 458 -33.88 23.79 26.90
C ALA B 458 -33.06 24.03 28.16
N GLN B 459 -31.85 23.47 28.22
CA GLN B 459 -31.08 23.51 29.45
C GLN B 459 -30.55 24.92 29.71
N PHE B 460 -30.19 25.65 28.66
CA PHE B 460 -29.78 27.03 28.79
C PHE B 460 -30.95 27.99 28.96
N LYS B 461 -32.18 27.50 28.87
CA LYS B 461 -33.37 28.34 28.88
C LYS B 461 -33.26 29.43 27.82
N ARG B 462 -32.87 29.01 26.61
CA ARG B 462 -32.68 29.87 25.44
C ARG B 462 -33.28 29.12 24.25
N ARG B 463 -34.60 29.15 24.12
CA ARG B 463 -35.23 28.39 23.05
C ARG B 463 -34.94 28.96 21.67
N ASP B 464 -34.28 30.13 21.63
CA ASP B 464 -33.91 30.84 20.42
C ASP B 464 -32.39 30.83 20.17
N LEU B 465 -31.63 30.05 20.92
CA LEU B 465 -30.18 30.13 20.89
C LEU B 465 -29.63 29.79 19.51
N PRO B 466 -28.91 30.69 18.86
CA PRO B 466 -28.29 30.36 17.57
C PRO B 466 -27.34 29.19 17.70
N PHE B 467 -27.43 28.28 16.74
CA PHE B 467 -26.62 27.06 16.74
C PHE B 467 -26.12 26.85 15.33
N TYR B 468 -24.83 27.09 15.11
CA TYR B 468 -24.21 27.01 13.79
C TYR B 468 -23.20 25.87 13.78
N TYR B 469 -23.35 24.94 12.84
CA TYR B 469 -22.58 23.71 12.86
C TYR B 469 -21.83 23.50 11.55
N VAL B 470 -20.82 22.64 11.62
CA VAL B 470 -19.93 22.38 10.50
C VAL B 470 -20.29 21.03 9.89
N GLN B 471 -20.71 21.04 8.63
CA GLN B 471 -20.83 19.79 7.89
C GLN B 471 -19.45 19.21 7.68
N LEU B 472 -19.33 17.89 7.80
CA LEU B 472 -18.02 17.26 7.79
C LEU B 472 -17.33 17.52 6.45
N PRO B 473 -16.02 17.74 6.46
CA PRO B 473 -15.29 17.99 5.20
C PRO B 473 -15.07 16.68 4.47
N ASN B 474 -14.42 16.78 3.31
CA ASN B 474 -13.98 15.59 2.62
C ASN B 474 -12.88 14.89 3.40
N TYR B 475 -12.86 13.56 3.33
CA TYR B 475 -11.82 12.79 4.00
C TYR B 475 -11.75 11.42 3.34
N GLY B 476 -10.54 10.87 3.27
CA GLY B 476 -10.36 9.49 2.91
C GLY B 476 -9.98 9.28 1.46
N ASP B 477 -9.95 8.00 1.08
CA ASP B 477 -9.58 7.64 -0.29
C ASP B 477 -10.63 8.12 -1.27
N MET B 478 -10.17 8.59 -2.42
CA MET B 478 -11.05 8.97 -3.51
C MET B 478 -11.44 7.76 -4.34
N ARG B 479 -12.62 7.84 -4.95
CA ARG B 479 -13.16 6.76 -5.74
C ARG B 479 -13.52 7.35 -7.10
N TYR B 480 -13.43 6.53 -8.14
CA TYR B 480 -13.74 6.99 -9.49
C TYR B 480 -15.00 6.35 -10.06
N GLN B 481 -15.77 5.63 -9.25
CA GLN B 481 -17.09 5.08 -9.54
C GLN B 481 -18.06 5.51 -8.45
N PRO B 482 -19.34 5.67 -8.77
CA PRO B 482 -20.34 5.94 -7.72
C PRO B 482 -20.32 4.85 -6.65
N GLY B 483 -20.63 5.25 -5.42
CA GLY B 483 -20.69 4.29 -4.33
C GLY B 483 -21.36 4.90 -3.12
N GLU B 484 -21.61 4.04 -2.13
CA GLU B 484 -22.21 4.47 -0.88
C GLU B 484 -21.14 5.06 0.04
N SER B 485 -21.59 5.81 1.04
CA SER B 485 -20.66 6.55 1.90
C SER B 485 -21.34 6.91 3.21
N ALA B 486 -20.75 6.47 4.32
CA ALA B 486 -21.26 6.85 5.63
C ALA B 486 -20.99 8.32 5.94
N TRP B 487 -19.83 8.84 5.51
CA TRP B 487 -19.57 10.27 5.66
C TRP B 487 -20.63 11.09 4.95
N ALA B 488 -21.06 10.65 3.77
CA ALA B 488 -22.10 11.37 3.05
C ALA B 488 -23.42 11.35 3.81
N MET B 489 -23.72 10.24 4.50
CA MET B 489 -24.91 10.21 5.32
C MET B 489 -24.81 11.19 6.49
N LEU B 490 -23.62 11.30 7.07
CA LEU B 490 -23.40 12.27 8.14
C LEU B 490 -23.58 13.70 7.62
N ARG B 491 -23.12 13.98 6.40
CA ARG B 491 -23.33 15.30 5.83
C ARG B 491 -24.80 15.55 5.51
N GLU B 492 -25.54 14.51 5.13
CA GLU B 492 -26.96 14.67 4.89
C GLU B 492 -27.71 14.99 6.18
N ALA B 493 -27.30 14.37 7.30
CA ALA B 493 -27.92 14.68 8.58
C ALA B 493 -27.77 16.16 8.90
N ALA B 494 -26.58 16.72 8.66
CA ALA B 494 -26.37 18.15 8.88
C ALA B 494 -27.24 18.96 7.95
N LEU B 495 -27.26 18.61 6.65
CA LEU B 495 -28.05 19.36 5.68
C LEU B 495 -29.53 19.41 6.07
N GLU B 496 -30.08 18.29 6.54
CA GLU B 496 -31.50 18.22 6.85
C GLU B 496 -31.85 18.88 8.17
N THR B 497 -30.87 19.04 9.07
CA THR B 497 -31.10 19.72 10.33
C THR B 497 -31.35 21.21 10.13
N LEU B 498 -31.14 21.74 8.92
CA LEU B 498 -31.46 23.13 8.65
C LEU B 498 -32.94 23.43 8.80
N LYS B 499 -33.79 22.41 8.91
CA LYS B 499 -35.19 22.65 9.23
C LYS B 499 -35.37 23.23 10.62
N VAL B 500 -34.41 23.01 11.53
CA VAL B 500 -34.54 23.51 12.89
C VAL B 500 -34.35 25.02 12.88
N PRO B 501 -35.21 25.79 13.54
CA PRO B 501 -35.08 27.26 13.49
C PRO B 501 -33.78 27.73 14.12
N ASN B 502 -33.27 28.85 13.59
CA ASN B 502 -32.10 29.53 14.14
C ASN B 502 -30.83 28.68 14.08
N THR B 503 -30.69 27.93 12.98
CA THR B 503 -29.50 27.13 12.73
C THR B 503 -28.85 27.56 11.42
N GLY B 504 -27.60 27.14 11.26
CA GLY B 504 -26.88 27.41 10.03
C GLY B 504 -25.76 26.41 9.93
N MET B 505 -25.32 26.16 8.69
CA MET B 505 -24.39 25.08 8.45
C MET B 505 -23.28 25.58 7.53
N ALA B 506 -22.03 25.34 7.91
CA ALA B 506 -20.90 25.63 7.04
C ALA B 506 -20.54 24.37 6.25
N VAL B 507 -20.37 24.52 4.94
CA VAL B 507 -19.94 23.42 4.09
C VAL B 507 -18.41 23.45 4.01
N THR B 508 -17.79 22.28 4.16
CA THR B 508 -16.34 22.17 4.16
C THR B 508 -15.84 21.09 3.21
N ILE B 509 -16.66 20.69 2.24
CA ILE B 509 -16.32 19.60 1.32
C ILE B 509 -15.08 19.88 0.49
N ASP B 510 -14.58 21.12 0.51
CA ASP B 510 -13.40 21.53 -0.22
C ASP B 510 -12.22 21.86 0.69
N LEU B 511 -12.36 21.61 1.99
CA LEU B 511 -11.36 22.02 2.96
C LEU B 511 -10.64 20.88 3.65
N GLY B 512 -11.04 19.63 3.39
CA GLY B 512 -10.43 18.49 4.03
C GLY B 512 -9.28 17.92 3.23
N GLU B 513 -8.74 16.81 3.70
CA GLU B 513 -7.59 16.18 3.09
C GLU B 513 -7.83 14.69 3.00
N TRP B 514 -7.31 14.08 1.92
CA TRP B 514 -7.55 12.66 1.71
C TRP B 514 -6.86 11.80 2.77
N ASN B 515 -5.73 12.27 3.29
CA ASN B 515 -4.86 11.46 4.15
C ASN B 515 -4.84 11.95 5.59
N ASP B 516 -5.79 12.78 5.99
CA ASP B 516 -5.78 13.27 7.36
C ASP B 516 -7.18 13.65 7.79
N ILE B 517 -7.60 13.12 8.94
CA ILE B 517 -8.88 13.51 9.53
C ILE B 517 -8.79 14.83 10.26
N HIS B 518 -7.58 15.40 10.39
CA HIS B 518 -7.35 16.69 11.01
C HIS B 518 -6.73 17.63 9.99
N PRO B 519 -7.51 18.09 9.02
CA PRO B 519 -6.97 18.91 7.94
C PRO B 519 -6.47 20.25 8.47
N ASP B 520 -5.57 20.85 7.70
CA ASP B 520 -4.85 22.01 8.20
C ASP B 520 -5.63 23.31 8.07
N ASP B 521 -6.60 23.40 7.15
CA ASP B 521 -7.25 24.66 6.83
C ASP B 521 -8.39 24.93 7.81
N LYS B 522 -8.04 25.43 8.98
CA LYS B 522 -9.04 25.83 9.97
C LYS B 522 -9.58 27.22 9.72
N LYS B 523 -8.82 28.06 9.00
CA LYS B 523 -9.24 29.44 8.81
C LYS B 523 -10.53 29.55 8.01
N ASP B 524 -10.65 28.75 6.95
CA ASP B 524 -11.85 28.81 6.13
C ASP B 524 -13.06 28.24 6.85
N VAL B 525 -12.86 27.29 7.77
CA VAL B 525 -13.97 26.81 8.58
C VAL B 525 -14.48 27.93 9.48
N GLY B 526 -13.59 28.58 10.21
CA GLY B 526 -14.01 29.63 11.13
C GLY B 526 -14.63 30.82 10.42
N GLU B 527 -14.10 31.17 9.25
CA GLU B 527 -14.63 32.32 8.53
C GLU B 527 -15.95 32.02 7.83
N ARG B 528 -16.17 30.77 7.42
CA ARG B 528 -17.48 30.42 6.89
C ARG B 528 -18.53 30.41 7.99
N LEU B 529 -18.16 30.00 9.20
CA LEU B 529 -19.06 30.14 10.34
C LEU B 529 -19.32 31.62 10.64
N ALA B 530 -18.29 32.46 10.52
CA ALA B 530 -18.47 33.90 10.76
C ALA B 530 -19.44 34.52 9.76
N LEU B 531 -19.46 34.03 8.51
CA LEU B 531 -20.45 34.53 7.56
C LEU B 531 -21.86 34.22 8.04
N ILE B 532 -22.07 33.03 8.59
CA ILE B 532 -23.38 32.66 9.10
C ILE B 532 -23.77 33.59 10.25
N ALA B 533 -22.83 33.84 11.16
CA ALA B 533 -23.13 34.74 12.28
C ALA B 533 -23.40 36.16 11.81
N LYS B 534 -22.59 36.69 10.89
CA LYS B 534 -22.79 38.06 10.43
C LYS B 534 -24.17 38.26 9.83
N ARG B 535 -24.66 37.27 9.08
CA ARG B 535 -26.02 37.36 8.53
C ARG B 535 -27.08 37.15 9.60
N LEU B 536 -26.97 36.05 10.35
CA LEU B 536 -28.08 35.62 11.18
C LEU B 536 -28.03 36.18 12.60
N SER B 537 -26.84 36.50 13.10
CA SER B 537 -26.73 37.07 14.45
C SER B 537 -26.40 38.55 14.47
N TYR B 538 -25.84 39.10 13.39
CA TYR B 538 -25.44 40.50 13.37
C TYR B 538 -26.13 41.32 12.28
N GLY B 539 -27.20 40.80 11.69
CA GLY B 539 -28.09 41.60 10.87
C GLY B 539 -27.54 42.11 9.56
N GLU B 540 -26.44 41.57 9.06
CA GLU B 540 -25.93 41.98 7.76
C GLU B 540 -26.86 41.40 6.70
N LYS B 541 -27.75 42.26 6.18
CA LYS B 541 -28.95 41.78 5.50
C LYS B 541 -28.65 41.09 4.18
N ASN B 542 -27.81 41.70 3.35
CA ASN B 542 -27.63 41.25 1.97
C ASN B 542 -26.40 40.38 1.78
N LEU B 543 -25.88 39.81 2.87
CA LEU B 543 -24.66 39.01 2.81
C LEU B 543 -25.01 37.60 2.35
N VAL B 544 -24.31 37.13 1.32
CA VAL B 544 -24.40 35.73 0.93
C VAL B 544 -23.60 34.92 1.93
N TYR B 545 -24.26 34.01 2.65
CA TYR B 545 -23.63 33.28 3.75
C TYR B 545 -23.67 31.78 3.57
N SER B 546 -24.21 31.28 2.47
CA SER B 546 -24.30 29.85 2.23
C SER B 546 -24.06 29.60 0.74
N GLY B 547 -23.47 28.45 0.45
CA GLY B 547 -23.46 27.94 -0.91
C GLY B 547 -24.78 27.29 -1.23
N PRO B 548 -24.94 26.93 -2.50
CA PRO B 548 -26.24 26.41 -2.97
C PRO B 548 -26.71 25.20 -2.16
N ILE B 549 -27.97 25.23 -1.77
CA ILE B 549 -28.59 24.20 -0.96
C ILE B 549 -29.72 23.57 -1.75
N TYR B 550 -29.64 22.25 -1.96
CA TYR B 550 -30.68 21.51 -2.67
C TYR B 550 -32.05 21.80 -2.08
N LYS B 551 -32.98 22.21 -2.94
CA LYS B 551 -34.36 22.50 -2.56
C LYS B 551 -35.33 21.44 -3.02
N SER B 552 -35.32 21.11 -4.31
CA SER B 552 -36.27 20.16 -4.89
C SER B 552 -35.74 19.76 -6.26
N SER B 553 -36.39 18.77 -6.86
CA SER B 553 -36.06 18.36 -8.21
C SER B 553 -37.30 17.82 -8.90
N THR B 554 -37.34 17.95 -10.23
CA THR B 554 -38.41 17.37 -11.02
C THR B 554 -37.83 16.58 -12.17
N ILE B 555 -38.56 15.56 -12.60
CA ILE B 555 -38.19 14.73 -13.73
C ILE B 555 -38.91 15.24 -14.96
N GLU B 556 -38.16 15.44 -16.05
CA GLU B 556 -38.73 15.83 -17.34
C GLU B 556 -38.11 14.93 -18.42
N GLY B 557 -38.81 13.86 -18.75
CA GLY B 557 -38.29 12.90 -19.71
C GLY B 557 -37.06 12.19 -19.19
N ASN B 558 -35.91 12.47 -19.80
CA ASN B 558 -34.64 11.88 -19.40
C ASN B 558 -33.75 12.87 -18.63
N LYS B 559 -34.27 14.04 -18.29
CA LYS B 559 -33.58 14.99 -17.44
C LYS B 559 -34.18 14.96 -16.04
N ILE B 560 -33.37 15.28 -15.05
CA ILE B 560 -33.84 15.69 -13.74
C ILE B 560 -33.33 17.11 -13.50
N ILE B 561 -34.23 18.02 -13.19
CA ILE B 561 -33.90 19.42 -12.98
C ILE B 561 -33.86 19.67 -11.49
N VAL B 562 -32.71 20.10 -10.97
CA VAL B 562 -32.53 20.32 -9.54
C VAL B 562 -32.58 21.81 -9.27
N SER B 563 -33.39 22.21 -8.29
CA SER B 563 -33.51 23.60 -7.88
C SER B 563 -32.80 23.82 -6.56
N PHE B 564 -32.17 24.99 -6.41
CA PHE B 564 -31.34 25.30 -5.25
C PHE B 564 -31.77 26.63 -4.62
N GLU B 565 -31.59 26.71 -3.31
CA GLU B 565 -31.56 27.96 -2.57
C GLU B 565 -30.11 28.43 -2.48
N HIS B 566 -29.93 29.68 -2.03
CA HIS B 566 -28.60 30.22 -1.76
C HIS B 566 -27.69 30.21 -2.98
N ILE B 567 -28.22 30.60 -4.15
CA ILE B 567 -27.38 30.69 -5.33
C ILE B 567 -26.61 31.99 -5.41
N GLY B 568 -26.75 32.87 -4.41
CA GLY B 568 -26.04 34.14 -4.46
C GLY B 568 -26.37 34.88 -5.73
N SER B 569 -25.35 35.45 -6.37
CA SER B 569 -25.53 36.10 -7.65
C SER B 569 -25.41 35.14 -8.83
N GLY B 570 -25.40 33.85 -8.58
CA GLY B 570 -25.45 32.86 -9.65
C GLY B 570 -24.64 31.63 -9.31
N LEU B 571 -24.99 30.53 -9.96
CA LEU B 571 -24.23 29.29 -9.87
C LEU B 571 -23.01 29.36 -10.80
N LYS B 572 -21.97 28.64 -10.42
CA LYS B 572 -20.79 28.51 -11.29
C LYS B 572 -20.05 27.24 -10.91
N THR B 573 -19.07 26.88 -11.73
CA THR B 573 -18.10 25.86 -11.35
C THR B 573 -16.80 26.52 -10.92
N ARG B 574 -16.22 25.99 -9.85
CA ARG B 574 -14.97 26.50 -9.30
C ARG B 574 -13.88 26.61 -10.36
N ASP B 575 -13.68 25.55 -11.13
CA ASP B 575 -12.56 25.50 -12.06
C ASP B 575 -12.91 25.97 -13.46
N GLY B 576 -14.16 26.35 -13.72
CA GLY B 576 -14.55 26.69 -15.07
C GLY B 576 -14.75 25.51 -15.99
N GLU B 577 -14.67 24.29 -15.46
CA GLU B 577 -14.87 23.10 -16.25
C GLU B 577 -16.29 22.61 -16.08
N SER B 578 -16.60 21.49 -16.75
CA SER B 578 -17.90 20.88 -16.61
C SER B 578 -18.17 20.50 -15.16
N LEU B 579 -19.45 20.50 -14.78
CA LEU B 579 -19.85 20.11 -13.44
C LEU B 579 -19.48 18.66 -13.17
N SER B 580 -18.83 18.43 -12.04
N SER B 580 -18.80 18.43 -12.05
CA SER B 580 -18.29 17.12 -11.67
CA SER B 580 -18.33 17.10 -11.68
C SER B 580 -19.03 16.58 -10.44
C SER B 580 -19.10 16.56 -10.49
N GLN B 581 -18.95 15.27 -10.26
CA GLN B 581 -19.49 14.52 -9.13
C GLN B 581 -21.00 14.33 -9.15
N PHE B 582 -21.67 14.61 -10.27
CA PHE B 582 -23.10 14.38 -10.36
C PHE B 582 -23.37 12.97 -10.84
N GLU B 583 -24.37 12.33 -10.24
CA GLU B 583 -24.79 10.99 -10.60
C GLU B 583 -26.29 10.99 -10.82
N ILE B 584 -26.75 10.03 -11.61
CA ILE B 584 -28.17 9.87 -11.87
C ILE B 584 -28.48 8.38 -11.89
N ALA B 585 -29.70 8.05 -11.49
CA ALA B 585 -30.12 6.66 -11.47
C ALA B 585 -31.60 6.59 -11.79
N GLY B 586 -32.02 5.41 -12.23
CA GLY B 586 -33.43 5.09 -12.36
C GLY B 586 -33.92 4.41 -11.11
N ALA B 587 -35.03 3.68 -11.25
CA ALA B 587 -35.70 3.08 -10.10
C ALA B 587 -34.80 2.12 -9.33
N ASP B 588 -33.89 1.44 -10.02
CA ASP B 588 -33.05 0.46 -9.34
C ASP B 588 -31.95 1.11 -8.49
N LYS B 589 -31.84 2.44 -8.48
CA LYS B 589 -30.86 3.15 -7.66
C LYS B 589 -29.42 2.74 -7.98
N LYS B 590 -29.19 2.29 -9.21
CA LYS B 590 -27.83 2.04 -9.72
C LYS B 590 -27.36 3.33 -10.37
N PHE B 591 -26.55 4.08 -9.65
CA PHE B 591 -26.10 5.39 -10.12
C PHE B 591 -24.95 5.27 -11.11
N VAL B 592 -24.94 6.18 -12.08
CA VAL B 592 -23.85 6.34 -13.03
C VAL B 592 -23.46 7.80 -13.02
N TRP B 593 -22.22 8.08 -13.40
CA TRP B 593 -21.81 9.47 -13.56
C TRP B 593 -22.68 10.13 -14.62
N ALA B 594 -23.09 11.36 -14.36
CA ALA B 594 -24.06 12.02 -15.20
C ALA B 594 -23.50 13.34 -15.73
N ILE B 595 -24.08 13.78 -16.84
CA ILE B 595 -23.84 15.12 -17.36
C ILE B 595 -24.69 16.10 -16.55
N ALA B 596 -24.07 17.20 -16.11
CA ALA B 596 -24.78 18.21 -15.35
C ALA B 596 -24.43 19.58 -15.90
N GLU B 597 -25.46 20.40 -16.15
CA GLU B 597 -25.27 21.72 -16.72
C GLU B 597 -26.06 22.74 -15.92
N ILE B 598 -25.45 23.92 -15.74
CA ILE B 598 -26.08 25.01 -15.01
C ILE B 598 -27.00 25.77 -15.95
N LYS B 599 -28.26 25.95 -15.54
CA LYS B 599 -29.27 26.69 -16.31
C LYS B 599 -30.08 27.55 -15.34
N GLY B 600 -29.50 28.67 -14.91
CA GLY B 600 -30.19 29.59 -14.01
C GLY B 600 -29.91 29.25 -12.55
N ASN B 601 -30.97 29.07 -11.78
CA ASN B 601 -30.87 28.55 -10.42
C ASN B 601 -30.95 27.05 -10.38
N GLN B 602 -30.78 26.39 -11.53
CA GLN B 602 -31.03 24.96 -11.65
C GLN B 602 -29.84 24.27 -12.30
N VAL B 603 -29.77 22.96 -12.05
CA VAL B 603 -28.80 22.08 -12.67
C VAL B 603 -29.60 20.99 -13.34
N ILE B 604 -29.42 20.82 -14.65
CA ILE B 604 -30.07 19.76 -15.41
C ILE B 604 -29.14 18.57 -15.44
N VAL B 605 -29.61 17.44 -14.92
CA VAL B 605 -28.82 16.22 -14.81
C VAL B 605 -29.42 15.19 -15.74
N HIS B 606 -28.56 14.45 -16.44
CA HIS B 606 -29.02 13.38 -17.31
C HIS B 606 -27.83 12.50 -17.65
N SER B 607 -28.12 11.28 -18.06
CA SER B 607 -27.12 10.38 -18.60
C SER B 607 -27.76 9.66 -19.78
N PRO B 608 -27.05 9.56 -20.91
CA PRO B 608 -27.57 8.76 -22.03
C PRO B 608 -27.93 7.33 -21.66
N GLN B 609 -27.31 6.76 -20.62
CA GLN B 609 -27.58 5.39 -20.22
C GLN B 609 -28.87 5.26 -19.41
N ILE B 610 -29.35 6.34 -18.82
CA ILE B 610 -30.49 6.31 -17.92
C ILE B 610 -31.66 6.95 -18.65
N THR B 611 -32.53 6.10 -19.21
CA THR B 611 -33.67 6.59 -19.98
C THR B 611 -34.86 6.97 -19.11
N LYS B 612 -34.97 6.39 -17.91
CA LYS B 612 -36.02 6.75 -16.96
C LYS B 612 -35.36 7.13 -15.64
N PRO B 613 -34.79 8.34 -15.56
CA PRO B 613 -34.12 8.76 -14.32
C PRO B 613 -35.12 9.09 -13.23
N MET B 614 -34.73 8.80 -11.99
CA MET B 614 -35.53 9.19 -10.83
C MET B 614 -34.75 9.82 -9.69
N TYR B 615 -33.44 9.62 -9.60
CA TYR B 615 -32.65 10.11 -8.48
C TYR B 615 -31.37 10.75 -8.98
N VAL B 616 -30.96 11.80 -8.30
CA VAL B 616 -29.70 12.49 -8.54
C VAL B 616 -28.90 12.45 -7.25
N ARG B 617 -27.59 12.37 -7.37
CA ARG B 617 -26.69 12.57 -6.26
C ARG B 617 -25.60 13.52 -6.69
N TYR B 618 -25.11 14.32 -5.74
CA TYR B 618 -23.99 15.20 -5.99
C TYR B 618 -23.00 15.08 -4.85
N ALA B 619 -21.74 14.76 -5.18
CA ALA B 619 -20.67 14.69 -4.19
C ALA B 619 -20.98 13.68 -3.08
N TRP B 620 -21.58 12.56 -3.46
CA TRP B 620 -22.01 11.54 -2.50
C TRP B 620 -20.88 10.52 -2.30
N ALA B 621 -19.88 10.91 -1.50
CA ALA B 621 -18.69 10.09 -1.33
C ALA B 621 -17.91 10.59 -0.12
N ASP B 622 -17.04 9.73 0.40
CA ASP B 622 -16.15 10.15 1.48
C ASP B 622 -15.31 11.36 1.05
N ASN B 623 -14.76 11.30 -0.15
CA ASN B 623 -13.86 12.34 -0.66
C ASN B 623 -14.11 12.52 -2.14
N PRO B 624 -15.13 13.30 -2.51
CA PRO B 624 -15.37 13.59 -3.93
C PRO B 624 -14.12 14.24 -4.56
N VAL B 625 -13.75 13.75 -5.74
CA VAL B 625 -12.51 14.21 -6.37
C VAL B 625 -12.57 15.70 -6.65
N ASN B 626 -13.65 16.16 -7.29
CA ASN B 626 -13.75 17.55 -7.74
C ASN B 626 -15.17 18.05 -7.53
N PRO B 627 -15.56 18.31 -6.28
CA PRO B 627 -16.88 18.92 -6.04
C PRO B 627 -16.85 20.41 -6.39
N ASN B 628 -17.24 20.74 -7.62
CA ASN B 628 -16.97 22.06 -8.16
C ASN B 628 -18.20 22.94 -8.31
N LEU B 629 -19.34 22.58 -7.71
CA LEU B 629 -20.52 23.44 -7.74
C LEU B 629 -20.43 24.51 -6.65
N TYR B 630 -20.43 25.77 -7.05
CA TYR B 630 -20.30 26.91 -6.14
C TYR B 630 -21.35 27.95 -6.53
N ASN B 631 -21.51 28.97 -5.69
CA ASN B 631 -22.10 30.20 -6.17
C ASN B 631 -21.00 31.21 -6.48
N ILE B 632 -21.40 32.32 -7.11
CA ILE B 632 -20.42 33.27 -7.61
C ILE B 632 -19.64 33.90 -6.47
N GLU B 633 -20.22 33.93 -5.27
CA GLU B 633 -19.53 34.40 -4.08
C GLU B 633 -18.58 33.37 -3.49
N ASN B 634 -18.38 32.24 -4.18
CA ASN B 634 -17.34 31.26 -3.88
C ASN B 634 -17.65 30.37 -2.67
N LEU B 635 -18.93 30.16 -2.38
CA LEU B 635 -19.21 29.19 -1.34
C LEU B 635 -19.69 27.89 -1.97
N PRO B 636 -19.23 26.76 -1.46
CA PRO B 636 -19.52 25.47 -2.09
C PRO B 636 -20.93 25.00 -1.81
N ALA B 637 -21.54 24.40 -2.83
CA ALA B 637 -22.82 23.74 -2.63
C ALA B 637 -22.67 22.56 -1.67
N SER B 638 -23.72 22.31 -0.90
CA SER B 638 -23.75 21.10 -0.08
C SER B 638 -23.92 19.86 -0.95
N PRO B 639 -23.20 18.79 -0.65
CA PRO B 639 -23.54 17.49 -1.26
C PRO B 639 -24.98 17.14 -0.92
N PHE B 640 -25.59 16.33 -1.78
CA PHE B 640 -26.97 15.95 -1.57
C PHE B 640 -27.30 14.72 -2.41
N ARG B 641 -28.40 14.09 -2.04
CA ARG B 641 -29.06 13.10 -2.89
C ARG B 641 -30.55 13.39 -2.87
N THR B 642 -31.22 12.95 -3.93
CA THR B 642 -32.67 13.07 -3.98
C THR B 642 -33.38 11.75 -3.68
N ASP B 643 -32.65 10.65 -3.60
CA ASP B 643 -33.24 9.41 -3.09
C ASP B 643 -33.20 9.43 -1.57
N ARG B 644 -34.14 8.73 -0.95
CA ARG B 644 -34.24 8.83 0.51
C ARG B 644 -34.23 7.46 1.16
C1 PGE C . 24.02 -12.59 -5.17
O1 PGE C . 23.75 -11.30 -5.69
C2 PGE C . 23.19 -12.83 -3.94
O2 PGE C . 21.83 -12.93 -4.31
C3 PGE C . 21.04 -11.86 -3.82
C4 PGE C . 19.57 -12.22 -3.92
O4 PGE C . 16.97 -9.47 -2.03
C6 PGE C . 18.14 -9.03 -2.71
C5 PGE C . 19.13 -10.18 -2.77
O3 PGE C . 18.77 -11.05 -3.82
MG MG D . -5.88 -1.16 -10.02
C PMS E . 6.65 -16.39 -14.00
S PMS E . 7.10 -16.74 -15.73
C1 PMS E . 5.18 -16.39 -13.69
C2 PMS E . 4.74 -16.85 -12.45
C3 PMS E . 3.39 -16.85 -12.12
C4 PMS E . 2.46 -16.39 -13.04
C5 PMS E . 2.88 -15.94 -14.29
C6 PMS E . 4.24 -15.94 -14.60
O2S PMS E . 6.42 -15.76 -16.60
O1S PMS E . 6.74 -18.16 -16.00
MG MG F . 0.43 -3.30 11.22
C PMS G . -10.65 13.07 15.24
S PMS G . -10.65 13.80 16.90
C1 PMS G . -11.07 11.64 15.10
C2 PMS G . -12.25 11.37 14.42
C3 PMS G . -12.70 10.07 14.23
C4 PMS G . -11.96 9.01 14.73
C5 PMS G . -10.78 9.27 15.42
C6 PMS G . -10.33 10.57 15.59
O2S PMS G . -9.88 12.88 17.75
O1S PMS G . -12.09 13.83 17.28
#